data_7VUI
#
_entry.id   7VUI
#
_cell.length_a   1.00
_cell.length_b   1.00
_cell.length_c   1.00
_cell.angle_alpha   90.00
_cell.angle_beta   90.00
_cell.angle_gamma   90.00
#
_symmetry.space_group_name_H-M   'P 1'
#
loop_
_entity.id
_entity.type
_entity.pdbx_description
1 polymer 'Isoform Gnas-2 of Guanine nucleotide-binding protein G(s) subunit alpha isoforms short'
2 polymer 'Guanine nucleotide-binding protein G(I)/G(S)/G(T) subunit beta-1'
3 polymer 'Guanine nucleotide-binding protein G(I)/G(S)/G(O) subunit gamma-2'
4 polymer 'Nanobody 35'
5 polymer 'Chimera of Endo-1,4-beta-xylanase and Probable G-protein coupled receptor 139'
6 non-polymer "GUANOSINE-5'-TRIPHOSPHATE"
7 non-polymer 'MAGNESIUM ION'
8 non-polymer 3-chloranyl-N-[2-oxidanylidene-2-[[(1S)-1-phenylethyl]amino]ethyl]benzamide
#
loop_
_entity_poly.entity_id
_entity_poly.type
_entity_poly.pdbx_seq_one_letter_code
_entity_poly.pdbx_strand_id
1 'polypeptide(L)'
;HHHHHHENLYFQGNSKTEDQRNEEKAQREANKKIEKQLQKDKQVYRATHRLLLLGADNSGKSTIVKQMRILHGGSGGSGG
TSGIFETKFQVDKVNFHMFDVGGQRDERRKWIQCFNDVTAIIFVVDSSDYNRLQEALNLFKSIWNNRWLRTISVILFLNK
QDLLAEKVLAGKSKIEDYFPEFARYTTPEDATPEPGEDPRVTRAKYFIRDEFLRISTASGDGRHYCYPHFTCAVDTENAR
RIFNDCKDAILQMNLREYNLV
;
A
2 'polypeptide(L)'
;IGRARGFSELDQLRQEAEQLKNQIRDARKACADATLSQITNNIDPVGRIQMRTRRTLRGHLAKIYAMHWGTDSRLLVSAS
QDGKLIIWDSYTTNKVHAIPLRSSWVMTCAYAPSGNYVACGGLDNICSIYNLKTREGNVRVSRELAGHTGYLSCCRFLDD
NQIVTSSGDTTCALWDIETGQQTTTFTGHTGDVMSLSLAPDTRLFVSGACDASAKLWDVREGMCRQTFTGHESDINAICF
FPNGNAFATGSDDATCRLFDLRADQELMTYSHDNIICGITSVSFSKSGRLLLAGYDDFNCNVWDALKADRAGVLAGHDNR
VSCLGVTDDGMAVATGSWDSFLKIWN
;
B
3 'polypeptide(L)' MASNNTASIAQARKLVEQLKMEANIDRIKVSKAAADLMAYCEAHAKEDPLLTPVPASENPFREKKFFCAIL G
4 'polypeptide(L)'
;MKYLLPTAAAGLLLLAAQPAMAMQVQLQESGGGLVQPGGSLRLSCAASGFTFSNYKMNWVRQAPGKGLEWVSDISQSGAS
ISYTGSVKGRFTISRDNAKNTLYLQMNSLKPEDTAVYYCARCPAPFTRDCFDVTSTTYAYRGQGTQVTVSSHHHHHH
;
N
5 'polypeptide(L)'
;HHHHHHHHHHDYKDDDDKENLYFQSGAPASTDYWQNWTFGGGIVNAVNGSGGNYSVNWSNTGNFVVGKGWTTGSPFRTIN
YNAGVWAPNGNGYLTLYGWTRSPLIEYYVVDSWGTYRPTGTYKGTVKSDGGTYDIYTTTRYNAPSIDGDDTTFTQYWSVR
QSKRPTGSNATITFTNHVNAWKSHGMNLGSNWAYQVMATEGYQSSGSSNVTVWEHTHAHLAANSSLSWWSPGSACGLGFV
PVVYYSLLLCLGLPANILTVIILSQLVARRQKSVYNYLLALAAADILVLFFIVFVDFLLEDFILNMQMPQVPDKIIEVLE
FSSIHTSIWITVPLTIDRYIAVCHPLKYHTVSYPARTRKVIVSVYITCFLTSIPYYWWPNIWTEDYISTSVHHVLIWIHC
FTVYLVPCSIFFILNSIIVYKLRRKSNFRLRGYSTGKTTAILFTITSIFATLWAPRIIMILYHLYGAPIQNRWLVHIMSD
IANMLALLNTAINFFLYCFISKRFRTMAAATLKAFFKCQKQPVQFYTNHNFSI
;
R
#
# COMPACT_ATOMS: atom_id res chain seq x y z
N THR A 17 46.02 3.81 -7.10
CA THR A 17 44.92 3.77 -6.15
C THR A 17 44.36 5.16 -5.87
N GLU A 18 45.10 6.18 -6.33
CA GLU A 18 44.65 7.55 -6.14
C GLU A 18 43.37 7.83 -6.91
N ASP A 19 43.26 7.29 -8.13
CA ASP A 19 42.06 7.49 -8.93
C ASP A 19 40.84 6.90 -8.23
N GLN A 20 40.97 5.68 -7.70
CA GLN A 20 39.87 5.08 -6.96
C GLN A 20 39.51 5.88 -5.73
N ARG A 21 40.51 6.39 -5.02
CA ARG A 21 40.27 7.17 -3.81
C ARG A 21 39.49 8.45 -4.14
N ASN A 22 39.92 9.19 -5.16
CA ASN A 22 39.23 10.42 -5.49
C ASN A 22 37.85 10.17 -6.08
N GLU A 23 37.69 9.07 -6.83
CA GLU A 23 36.35 8.71 -7.30
C GLU A 23 35.41 8.39 -6.14
N GLU A 24 35.91 7.65 -5.15
CA GLU A 24 35.09 7.36 -3.98
C GLU A 24 34.74 8.63 -3.21
N LYS A 25 35.70 9.55 -3.07
CA LYS A 25 35.42 10.80 -2.38
C LYS A 25 34.40 11.64 -3.13
N ALA A 26 34.50 11.69 -4.46
CA ALA A 26 33.53 12.44 -5.25
C ALA A 26 32.14 11.81 -5.13
N GLN A 27 32.06 10.48 -5.16
CA GLN A 27 30.78 9.80 -4.99
C GLN A 27 30.19 10.09 -3.61
N ARG A 28 31.04 10.10 -2.57
CA ARG A 28 30.56 10.40 -1.23
C ARG A 28 30.03 11.82 -1.13
N GLU A 29 30.74 12.78 -1.74
CA GLU A 29 30.28 14.16 -1.72
C GLU A 29 28.96 14.31 -2.45
N ALA A 30 28.83 13.66 -3.62
CA ALA A 30 27.56 13.70 -4.35
C ALA A 30 26.44 13.06 -3.54
N ASN A 31 26.74 11.96 -2.86
CA ASN A 31 25.74 11.30 -2.03
C ASN A 31 25.30 12.22 -0.90
N LYS A 32 26.24 12.93 -0.27
CA LYS A 32 25.89 13.85 0.79
C LYS A 32 25.01 14.99 0.28
N LYS A 33 25.35 15.53 -0.89
CA LYS A 33 24.52 16.60 -1.47
C LYS A 33 23.11 16.09 -1.78
N ILE A 34 23.02 14.87 -2.32
CA ILE A 34 21.72 14.29 -2.62
C ILE A 34 20.93 14.07 -1.33
N GLU A 35 21.59 13.63 -0.26
CA GLU A 35 20.92 13.49 1.02
C GLU A 35 20.37 14.82 1.51
N LYS A 36 21.16 15.89 1.39
CA LYS A 36 20.69 17.20 1.83
C LYS A 36 19.48 17.65 1.02
N GLN A 37 19.55 17.49 -0.30
CA GLN A 37 18.42 17.89 -1.15
C GLN A 37 17.18 17.05 -0.85
N LEU A 38 17.37 15.74 -0.62
CA LEU A 38 16.25 14.87 -0.31
C LEU A 38 15.63 15.21 1.04
N GLN A 39 16.45 15.58 2.02
CA GLN A 39 15.89 16.04 3.30
C GLN A 39 15.09 17.33 3.13
N LYS A 40 15.63 18.26 2.34
CA LYS A 40 14.90 19.51 2.10
C LYS A 40 13.56 19.24 1.43
N ASP A 41 13.53 18.31 0.47
CA ASP A 41 12.25 17.93 -0.14
C ASP A 41 11.37 17.19 0.85
N LYS A 42 11.96 16.40 1.74
CA LYS A 42 11.20 15.68 2.76
C LYS A 42 10.48 16.64 3.68
N GLN A 43 11.08 17.80 3.96
CA GLN A 43 10.41 18.80 4.77
C GLN A 43 9.14 19.33 4.09
N VAL A 44 8.99 19.08 2.80
CA VAL A 44 7.85 19.58 2.04
C VAL A 44 6.81 18.48 1.79
N TYR A 45 7.26 17.27 1.49
CA TYR A 45 6.35 16.22 1.04
C TYR A 45 5.32 15.88 2.11
N ARG A 46 5.73 15.76 3.38
CA ARG A 46 4.78 15.45 4.43
C ARG A 46 3.88 16.63 4.78
N ALA A 47 4.34 17.86 4.53
CA ALA A 47 3.54 19.02 4.86
C ALA A 47 2.25 19.05 4.05
N THR A 48 2.34 18.74 2.76
CA THR A 48 1.15 18.70 1.92
C THR A 48 0.34 17.44 2.21
N HIS A 49 -0.98 17.58 2.13
CA HIS A 49 -1.90 16.47 2.31
C HIS A 49 -2.56 16.16 0.97
N ARG A 50 -2.40 14.93 0.49
CA ARG A 50 -2.90 14.54 -0.81
C ARG A 50 -4.40 14.26 -0.75
N LEU A 51 -5.12 14.66 -1.81
CA LEU A 51 -6.55 14.41 -1.93
C LEU A 51 -6.85 13.93 -3.34
N LEU A 52 -7.94 13.19 -3.47
CA LEU A 52 -8.39 12.66 -4.75
C LEU A 52 -9.89 12.82 -4.88
N LEU A 53 -10.34 13.20 -6.06
CA LEU A 53 -11.76 13.37 -6.35
C LEU A 53 -12.24 12.23 -7.24
N LEU A 54 -13.35 11.60 -6.84
CA LEU A 54 -13.94 10.51 -7.59
C LEU A 54 -15.46 10.67 -7.58
N GLY A 55 -16.11 10.11 -8.59
CA GLY A 55 -17.55 10.18 -8.67
C GLY A 55 -18.05 9.79 -10.05
N ALA A 56 -19.28 10.17 -10.33
CA ALA A 56 -19.90 9.87 -11.61
C ALA A 56 -19.31 10.76 -12.71
N ASP A 57 -19.80 10.57 -13.93
CA ASP A 57 -19.30 11.33 -15.07
C ASP A 57 -19.67 12.80 -14.96
N ASN A 58 -20.91 13.10 -14.59
CA ASN A 58 -21.40 14.46 -14.54
C ASN A 58 -21.34 15.04 -13.13
N SER A 59 -20.69 14.33 -12.21
CA SER A 59 -20.51 14.86 -10.87
C SER A 59 -19.63 16.11 -10.90
N GLY A 60 -19.92 17.04 -10.01
CA GLY A 60 -19.25 18.33 -10.01
C GLY A 60 -17.86 18.30 -9.40
N LYS A 61 -16.90 17.67 -10.07
CA LYS A 61 -15.52 17.65 -9.61
C LYS A 61 -14.81 18.95 -9.99
N SER A 62 -14.69 19.19 -11.30
CA SER A 62 -14.00 20.38 -11.78
C SER A 62 -14.69 21.65 -11.33
N THR A 63 -16.01 21.63 -11.15
CA THR A 63 -16.71 22.81 -10.66
C THR A 63 -16.23 23.19 -9.26
N ILE A 64 -16.18 22.22 -8.35
CA ILE A 64 -15.71 22.50 -6.99
C ILE A 64 -14.24 22.91 -7.01
N VAL A 65 -13.43 22.20 -7.79
CA VAL A 65 -11.99 22.52 -7.83
C VAL A 65 -11.79 23.95 -8.31
N LYS A 66 -12.47 24.33 -9.40
CA LYS A 66 -12.34 25.69 -9.93
C LYS A 66 -12.89 26.71 -8.95
N GLN A 67 -13.99 26.38 -8.27
CA GLN A 67 -14.59 27.32 -7.33
C GLN A 67 -13.65 27.63 -6.19
N MET A 68 -12.95 26.62 -5.66
CA MET A 68 -12.07 26.87 -4.52
C MET A 68 -10.60 27.01 -4.90
N ARG A 69 -10.28 27.08 -6.19
CA ARG A 69 -8.95 27.54 -6.59
C ARG A 69 -8.73 29.00 -6.19
N ILE A 70 -9.81 29.79 -6.16
CA ILE A 70 -9.68 31.20 -5.78
C ILE A 70 -9.16 31.33 -4.35
N LEU A 71 -9.70 30.52 -3.44
CA LEU A 71 -9.24 30.52 -2.06
C LEU A 71 -7.81 30.01 -1.95
N GLY A 83 -4.06 16.24 -18.39
CA GLY A 83 -4.61 15.10 -17.68
C GLY A 83 -5.07 15.44 -16.27
N ILE A 84 -4.15 15.31 -15.31
CA ILE A 84 -4.48 15.61 -13.92
C ILE A 84 -4.58 17.12 -13.75
N PHE A 85 -5.66 17.57 -13.11
CA PHE A 85 -5.94 18.99 -12.91
C PHE A 85 -5.72 19.28 -11.42
N GLU A 86 -4.49 19.65 -11.09
CA GLU A 86 -4.09 19.87 -9.70
C GLU A 86 -4.59 21.22 -9.21
N THR A 87 -4.48 21.42 -7.90
CA THR A 87 -4.77 22.71 -7.28
C THR A 87 -4.07 22.77 -5.92
N LYS A 88 -3.57 23.95 -5.58
CA LYS A 88 -2.86 24.17 -4.33
C LYS A 88 -3.57 25.26 -3.53
N PHE A 89 -3.86 24.97 -2.27
CA PHE A 89 -4.45 25.96 -1.37
C PHE A 89 -4.01 25.65 0.05
N GLN A 90 -3.94 26.70 0.87
CA GLN A 90 -3.55 26.58 2.26
C GLN A 90 -4.59 27.24 3.14
N VAL A 91 -5.03 26.54 4.18
CA VAL A 91 -5.96 27.06 5.16
C VAL A 91 -5.50 26.64 6.55
N ASP A 92 -5.57 27.57 7.51
CA ASP A 92 -5.11 27.33 8.88
C ASP A 92 -3.66 26.88 8.91
N LYS A 93 -2.83 27.54 8.11
CA LYS A 93 -1.38 27.38 8.10
C LYS A 93 -0.94 25.97 7.70
N VAL A 94 -1.81 25.20 7.06
CA VAL A 94 -1.44 23.92 6.47
C VAL A 94 -2.08 23.83 5.10
N ASN A 95 -1.34 23.30 4.14
CA ASN A 95 -1.77 23.26 2.74
C ASN A 95 -2.22 21.87 2.33
N PHE A 96 -3.13 21.82 1.36
CA PHE A 96 -3.68 20.58 0.84
C PHE A 96 -3.45 20.53 -0.67
N HIS A 97 -3.43 19.32 -1.21
CA HIS A 97 -3.29 19.09 -2.65
C HIS A 97 -4.40 18.18 -3.12
N MET A 98 -5.17 18.64 -4.10
CA MET A 98 -6.29 17.88 -4.63
C MET A 98 -5.99 17.44 -6.05
N PHE A 99 -6.34 16.19 -6.35
CA PHE A 99 -6.06 15.57 -7.64
C PHE A 99 -7.37 15.26 -8.34
N ASP A 100 -7.52 15.75 -9.56
CA ASP A 100 -8.73 15.55 -10.36
C ASP A 100 -8.25 15.03 -11.72
N VAL A 101 -8.32 13.71 -11.90
CA VAL A 101 -7.92 13.09 -13.16
C VAL A 101 -9.10 13.13 -14.12
N GLY A 102 -8.89 13.73 -15.29
CA GLY A 102 -9.93 13.84 -16.29
C GLY A 102 -9.45 13.54 -17.70
N GLY A 103 -8.15 13.33 -17.85
CA GLY A 103 -7.59 13.02 -19.15
C GLY A 103 -7.40 11.54 -19.38
N GLN A 104 -8.09 10.73 -18.59
CA GLN A 104 -7.98 9.28 -18.63
C GLN A 104 -9.28 8.67 -19.15
N ARG A 105 -9.27 7.35 -19.31
CA ARG A 105 -10.42 6.61 -19.78
C ARG A 105 -11.38 6.36 -18.63
N ASP A 106 -12.41 5.56 -18.87
CA ASP A 106 -13.43 5.26 -17.86
C ASP A 106 -13.19 3.93 -17.14
N GLU A 107 -12.08 3.25 -17.43
CA GLU A 107 -11.69 2.04 -16.71
C GLU A 107 -10.66 2.41 -15.65
N ARG A 108 -10.99 2.15 -14.39
CA ARG A 108 -10.23 2.71 -13.27
C ARG A 108 -9.75 1.66 -12.28
N ARG A 109 -9.60 0.41 -12.70
CA ARG A 109 -9.12 -0.63 -11.80
C ARG A 109 -7.60 -0.74 -11.74
N LYS A 110 -6.89 0.04 -12.54
CA LYS A 110 -5.43 -0.03 -12.58
C LYS A 110 -4.73 1.23 -12.12
N TRP A 111 -5.26 2.41 -12.42
CA TRP A 111 -4.64 3.65 -11.96
C TRP A 111 -5.19 4.12 -10.62
N ILE A 112 -6.12 3.39 -10.03
CA ILE A 112 -6.61 3.75 -8.70
C ILE A 112 -5.71 3.23 -7.59
N GLN A 113 -4.82 2.28 -7.90
CA GLN A 113 -3.87 1.80 -6.90
C GLN A 113 -2.80 2.84 -6.62
N CYS A 114 -2.58 3.77 -7.53
CA CYS A 114 -1.55 4.79 -7.33
C CYS A 114 -1.91 5.73 -6.18
N PHE A 115 -3.20 5.89 -5.89
CA PHE A 115 -3.65 6.82 -4.87
C PHE A 115 -3.85 6.19 -3.50
N ASN A 116 -3.10 5.14 -3.19
CA ASN A 116 -3.22 4.51 -1.86
C ASN A 116 -2.69 5.44 -0.77
N ASP A 117 -1.55 6.08 -1.00
CA ASP A 117 -0.96 6.98 -0.01
C ASP A 117 -1.56 8.38 -0.18
N VAL A 118 -2.86 8.44 0.06
CA VAL A 118 -3.62 9.68 -0.03
C VAL A 118 -4.39 9.87 1.27
N THR A 119 -4.33 11.08 1.81
CA THR A 119 -4.90 11.35 3.13
C THR A 119 -6.42 11.12 3.14
N ALA A 120 -7.12 11.59 2.12
CA ALA A 120 -8.57 11.43 2.06
C ALA A 120 -9.02 11.43 0.61
N ILE A 121 -10.17 10.79 0.36
CA ILE A 121 -10.77 10.71 -0.96
C ILE A 121 -12.09 11.45 -0.93
N ILE A 122 -12.25 12.42 -1.83
CA ILE A 122 -13.48 13.20 -1.95
C ILE A 122 -14.35 12.54 -3.00
N PHE A 123 -15.56 12.15 -2.61
CA PHE A 123 -16.49 11.48 -3.50
C PHE A 123 -17.63 12.44 -3.85
N VAL A 124 -17.42 13.24 -4.89
CA VAL A 124 -18.46 14.14 -5.38
C VAL A 124 -19.48 13.30 -6.13
N VAL A 125 -20.75 13.41 -5.74
CA VAL A 125 -21.79 12.54 -6.26
C VAL A 125 -22.97 13.39 -6.75
N ASP A 126 -23.56 12.96 -7.85
CA ASP A 126 -24.80 13.58 -8.32
C ASP A 126 -25.94 13.26 -7.37
N SER A 127 -26.77 14.27 -7.10
CA SER A 127 -27.93 14.09 -6.24
C SER A 127 -29.26 14.39 -6.93
N SER A 128 -29.25 15.08 -8.07
CA SER A 128 -30.50 15.40 -8.75
C SER A 128 -30.88 14.34 -9.78
N ASP A 129 -29.91 13.85 -10.55
CA ASP A 129 -30.16 12.81 -11.54
C ASP A 129 -30.11 11.47 -10.83
N TYR A 130 -31.29 10.90 -10.57
CA TYR A 130 -31.38 9.63 -9.84
C TYR A 130 -31.09 8.42 -10.71
N ASN A 131 -31.01 8.59 -12.04
CA ASN A 131 -30.70 7.48 -12.92
C ASN A 131 -29.29 6.95 -12.67
N ARG A 132 -28.34 7.85 -12.46
CA ARG A 132 -26.95 7.48 -12.21
C ARG A 132 -26.65 7.27 -10.73
N LEU A 133 -27.66 7.39 -9.86
CA LEU A 133 -27.44 7.17 -8.43
C LEU A 133 -27.01 5.74 -8.16
N GLN A 134 -27.61 4.76 -8.85
CA GLN A 134 -27.20 3.38 -8.65
C GLN A 134 -25.75 3.17 -9.06
N GLU A 135 -25.34 3.76 -10.19
CA GLU A 135 -23.94 3.68 -10.60
C GLU A 135 -23.02 4.32 -9.57
N ALA A 136 -23.44 5.44 -9.00
CA ALA A 136 -22.64 6.10 -7.96
C ALA A 136 -22.50 5.21 -6.73
N LEU A 137 -23.59 4.57 -6.32
CA LEU A 137 -23.52 3.65 -5.18
C LEU A 137 -22.61 2.47 -5.47
N ASN A 138 -22.67 1.91 -6.69
CA ASN A 138 -21.76 0.83 -7.05
C ASN A 138 -20.31 1.30 -7.01
N LEU A 139 -20.05 2.51 -7.51
CA LEU A 139 -18.70 3.07 -7.46
C LEU A 139 -18.22 3.22 -6.03
N PHE A 140 -19.09 3.72 -5.14
CA PHE A 140 -18.73 3.87 -3.74
C PHE A 140 -18.46 2.52 -3.09
N LYS A 141 -19.28 1.51 -3.43
CA LYS A 141 -19.08 0.18 -2.87
C LYS A 141 -17.75 -0.42 -3.32
N SER A 142 -17.38 -0.19 -4.58
CA SER A 142 -16.09 -0.68 -5.06
C SER A 142 -14.93 0.00 -4.34
N ILE A 143 -15.03 1.30 -4.09
CA ILE A 143 -13.96 2.02 -3.40
C ILE A 143 -13.86 1.59 -1.94
N TRP A 144 -15.00 1.47 -1.26
CA TRP A 144 -14.99 1.14 0.16
C TRP A 144 -14.42 -0.24 0.42
N ASN A 145 -14.77 -1.21 -0.42
CA ASN A 145 -14.34 -2.58 -0.23
C ASN A 145 -13.04 -2.91 -0.97
N ASN A 146 -12.40 -1.92 -1.58
CA ASN A 146 -11.18 -2.19 -2.33
C ASN A 146 -10.06 -2.65 -1.42
N ARG A 147 -9.25 -3.59 -1.91
CA ARG A 147 -8.18 -4.21 -1.15
C ARG A 147 -6.83 -3.51 -1.32
N TRP A 148 -6.85 -2.24 -1.76
CA TRP A 148 -5.80 -1.27 -1.45
C TRP A 148 -6.34 0.07 -0.96
N LEU A 149 -7.65 0.30 -0.98
CA LEU A 149 -8.24 1.55 -0.53
C LEU A 149 -9.06 1.39 0.75
N ARG A 150 -8.87 0.29 1.47
CA ARG A 150 -9.62 0.05 2.69
C ARG A 150 -9.10 0.84 3.89
N THR A 151 -7.98 1.56 3.73
CA THR A 151 -7.45 2.39 4.78
C THR A 151 -7.83 3.86 4.62
N ILE A 152 -8.05 4.32 3.39
CA ILE A 152 -8.29 5.73 3.13
C ILE A 152 -9.69 6.11 3.57
N SER A 153 -9.79 7.18 4.36
CA SER A 153 -11.09 7.74 4.69
C SER A 153 -11.68 8.45 3.48
N VAL A 154 -13.00 8.33 3.32
CA VAL A 154 -13.71 8.86 2.16
C VAL A 154 -14.57 10.02 2.61
N ILE A 155 -14.42 11.16 1.94
CA ILE A 155 -15.25 12.33 2.15
C ILE A 155 -16.37 12.30 1.12
N LEU A 156 -17.62 12.33 1.58
CA LEU A 156 -18.78 12.19 0.72
C LEU A 156 -19.43 13.55 0.54
N PHE A 157 -19.33 14.10 -0.66
CA PHE A 157 -19.92 15.40 -1.00
C PHE A 157 -21.18 15.15 -1.82
N LEU A 158 -22.34 15.36 -1.19
CA LEU A 158 -23.62 15.28 -1.90
C LEU A 158 -23.84 16.59 -2.64
N ASN A 159 -23.29 16.67 -3.85
CA ASN A 159 -23.29 17.91 -4.62
C ASN A 159 -24.68 18.16 -5.22
N LYS A 160 -24.88 19.39 -5.70
CA LYS A 160 -26.15 19.81 -6.33
C LYS A 160 -27.32 19.71 -5.36
N GLN A 161 -27.22 20.40 -4.23
CA GLN A 161 -28.33 20.43 -3.28
C GLN A 161 -29.44 21.37 -3.74
N ASP A 162 -29.05 22.50 -4.34
CA ASP A 162 -30.06 23.43 -4.85
C ASP A 162 -30.88 22.80 -5.98
N LEU A 163 -30.21 22.09 -6.88
CA LEU A 163 -30.94 21.40 -7.95
C LEU A 163 -31.81 20.27 -7.39
N LEU A 164 -31.34 19.60 -6.33
CA LEU A 164 -32.18 18.61 -5.66
C LEU A 164 -33.44 19.24 -5.09
N ALA A 165 -33.29 20.40 -4.44
CA ALA A 165 -34.46 21.10 -3.89
C ALA A 165 -35.41 21.51 -5.00
N GLU A 166 -34.88 22.01 -6.12
CA GLU A 166 -35.72 22.40 -7.24
C GLU A 166 -36.45 21.19 -7.82
N LYS A 167 -35.77 20.05 -7.94
CA LYS A 167 -36.38 18.87 -8.54
C LYS A 167 -37.46 18.27 -7.64
N VAL A 168 -37.18 18.16 -6.33
CA VAL A 168 -38.16 17.58 -5.41
C VAL A 168 -39.40 18.45 -5.33
N LEU A 169 -39.22 19.78 -5.28
CA LEU A 169 -40.37 20.68 -5.23
C LEU A 169 -41.20 20.61 -6.49
N ALA A 170 -40.57 20.36 -7.64
CA ALA A 170 -41.33 20.23 -8.89
C ALA A 170 -42.26 19.02 -8.85
N GLY A 171 -41.77 17.89 -8.33
CA GLY A 171 -42.56 16.69 -8.21
C GLY A 171 -42.69 15.87 -9.47
N LYS A 172 -42.10 16.30 -10.58
CA LYS A 172 -42.20 15.55 -11.83
C LYS A 172 -41.29 14.33 -11.84
N SER A 173 -40.19 14.36 -11.08
CA SER A 173 -39.20 13.28 -11.18
C SER A 173 -39.71 11.97 -10.59
N LYS A 174 -40.53 12.03 -9.53
CA LYS A 174 -41.06 10.85 -8.87
C LYS A 174 -39.92 9.95 -8.35
N ILE A 175 -39.22 10.50 -7.36
CA ILE A 175 -38.05 9.85 -6.77
C ILE A 175 -38.33 8.41 -6.36
N GLU A 176 -39.58 8.08 -6.03
CA GLU A 176 -39.91 6.73 -5.61
C GLU A 176 -39.82 5.72 -6.75
N ASP A 177 -39.89 6.18 -8.00
CA ASP A 177 -39.80 5.27 -9.13
C ASP A 177 -38.41 4.62 -9.22
N TYR A 178 -37.36 5.42 -9.01
CA TYR A 178 -36.00 4.89 -9.11
C TYR A 178 -35.61 4.07 -7.89
N PHE A 179 -36.17 4.38 -6.72
CA PHE A 179 -35.88 3.64 -5.48
C PHE A 179 -37.20 3.18 -4.87
N PRO A 180 -37.55 1.90 -5.03
CA PRO A 180 -38.86 1.43 -4.54
C PRO A 180 -39.03 1.54 -3.03
N GLU A 181 -37.96 1.38 -2.26
CA GLU A 181 -38.06 1.36 -0.81
C GLU A 181 -38.01 2.77 -0.19
N PHE A 182 -38.06 3.82 -1.01
CA PHE A 182 -38.13 5.17 -0.47
C PHE A 182 -39.47 5.44 0.19
N ALA A 183 -40.53 4.78 -0.26
CA ALA A 183 -41.86 5.03 0.30
C ALA A 183 -41.92 4.68 1.78
N ARG A 184 -41.30 3.56 2.17
CA ARG A 184 -41.27 3.15 3.58
C ARG A 184 -40.05 3.75 4.27
N TYR A 185 -40.01 5.08 4.29
CA TYR A 185 -38.90 5.81 4.88
C TYR A 185 -39.41 7.10 5.51
N THR A 186 -38.84 7.45 6.65
CA THR A 186 -39.15 8.69 7.34
C THR A 186 -37.84 9.38 7.72
N THR A 187 -37.92 10.68 7.94
CA THR A 187 -36.73 11.45 8.28
C THR A 187 -36.14 10.94 9.59
N PRO A 188 -34.81 10.89 9.71
CA PRO A 188 -34.21 10.41 10.96
C PRO A 188 -34.44 11.37 12.11
N GLU A 189 -34.38 10.82 13.33
CA GLU A 189 -34.58 11.62 14.52
C GLU A 189 -33.49 12.68 14.67
N ASP A 190 -32.26 12.34 14.30
CA ASP A 190 -31.13 13.25 14.41
C ASP A 190 -30.99 14.20 13.21
N ALA A 191 -32.06 14.38 12.44
CA ALA A 191 -32.00 15.28 11.29
C ALA A 191 -31.83 16.72 11.75
N THR A 192 -31.06 17.50 10.98
CA THR A 192 -30.80 18.91 11.27
C THR A 192 -31.10 19.71 10.01
N PRO A 193 -32.37 19.91 9.68
CA PRO A 193 -32.72 20.67 8.47
C PRO A 193 -32.49 22.16 8.65
N GLU A 194 -32.18 22.81 7.54
CA GLU A 194 -32.07 24.26 7.53
C GLU A 194 -33.44 24.90 7.73
N PRO A 195 -33.49 26.11 8.27
CA PRO A 195 -34.80 26.73 8.57
C PRO A 195 -35.69 26.90 7.36
N GLY A 196 -35.12 27.15 6.19
CA GLY A 196 -35.90 27.40 4.98
C GLY A 196 -36.21 26.17 4.16
N GLU A 197 -35.97 24.97 4.68
CA GLU A 197 -36.16 23.75 3.90
C GLU A 197 -37.61 23.27 3.99
N ASP A 198 -37.86 22.11 3.37
CA ASP A 198 -39.14 21.45 3.23
C ASP A 198 -38.99 20.01 3.73
N PRO A 199 -39.97 19.48 4.46
CA PRO A 199 -39.86 18.08 4.91
C PRO A 199 -39.60 17.08 3.79
N ARG A 200 -40.18 17.28 2.60
CA ARG A 200 -39.97 16.35 1.50
C ARG A 200 -38.54 16.39 1.00
N VAL A 201 -37.97 17.59 0.82
CA VAL A 201 -36.61 17.67 0.29
C VAL A 201 -35.59 17.18 1.31
N THR A 202 -35.80 17.49 2.59
CA THR A 202 -34.89 16.97 3.61
C THR A 202 -35.02 15.46 3.73
N ARG A 203 -36.24 14.93 3.55
CA ARG A 203 -36.42 13.48 3.52
C ARG A 203 -35.63 12.88 2.36
N ALA A 204 -35.69 13.50 1.19
CA ALA A 204 -34.97 12.96 0.02
C ALA A 204 -33.46 12.98 0.23
N LYS A 205 -32.93 14.11 0.71
CA LYS A 205 -31.49 14.21 0.87
C LYS A 205 -30.99 13.26 1.96
N TYR A 206 -31.73 13.13 3.05
CA TYR A 206 -31.33 12.18 4.08
C TYR A 206 -31.52 10.74 3.61
N PHE A 207 -32.46 10.50 2.70
CA PHE A 207 -32.59 9.18 2.10
C PHE A 207 -31.35 8.81 1.28
N ILE A 208 -30.87 9.76 0.48
CA ILE A 208 -29.63 9.52 -0.28
C ILE A 208 -28.47 9.30 0.68
N ARG A 209 -28.40 10.12 1.73
CA ARG A 209 -27.32 10.00 2.71
C ARG A 209 -27.32 8.62 3.36
N ASP A 210 -28.50 8.14 3.78
CA ASP A 210 -28.58 6.83 4.41
C ASP A 210 -28.32 5.70 3.42
N GLU A 211 -28.71 5.89 2.15
CA GLU A 211 -28.40 4.88 1.13
C GLU A 211 -26.90 4.74 0.94
N PHE A 212 -26.17 5.86 1.04
CA PHE A 212 -24.71 5.77 0.96
C PHE A 212 -24.12 5.19 2.25
N LEU A 213 -24.64 5.59 3.40
CA LEU A 213 -24.08 5.16 4.68
C LEU A 213 -24.33 3.69 4.96
N ARG A 214 -25.43 3.11 4.47
CA ARG A 214 -25.66 1.69 4.67
C ARG A 214 -24.60 0.86 3.96
N ILE A 215 -24.14 1.32 2.79
CA ILE A 215 -22.98 0.69 2.15
C ILE A 215 -21.72 1.00 2.95
N SER A 216 -21.60 2.23 3.45
CA SER A 216 -20.42 2.61 4.23
C SER A 216 -20.33 1.80 5.52
N THR A 217 -21.46 1.63 6.23
CA THR A 217 -21.45 0.96 7.52
C THR A 217 -21.33 -0.55 7.40
N ALA A 218 -21.80 -1.13 6.29
CA ALA A 218 -21.87 -2.58 6.18
C ALA A 218 -20.50 -3.24 6.26
N SER A 219 -19.44 -2.54 5.85
CA SER A 219 -18.10 -3.09 5.88
C SER A 219 -17.14 -2.03 6.41
N GLY A 220 -16.02 -2.51 6.96
CA GLY A 220 -15.04 -1.63 7.54
C GLY A 220 -14.97 -1.73 9.05
N ASP A 221 -13.91 -2.35 9.56
CA ASP A 221 -13.76 -2.55 11.01
C ASP A 221 -12.98 -1.40 11.66
N GLY A 222 -13.45 -0.17 11.42
CA GLY A 222 -12.84 1.00 12.02
C GLY A 222 -11.56 1.46 11.39
N ARG A 223 -11.12 0.83 10.30
CA ARG A 223 -9.88 1.25 9.65
C ARG A 223 -10.05 2.58 8.94
N HIS A 224 -11.16 2.74 8.22
CA HIS A 224 -11.44 3.97 7.48
C HIS A 224 -12.87 4.41 7.75
N TYR A 225 -13.07 5.73 7.75
CA TYR A 225 -14.34 6.34 8.11
C TYR A 225 -14.89 7.15 6.94
N CYS A 226 -16.22 7.11 6.78
CA CYS A 226 -16.90 7.90 5.78
C CYS A 226 -17.68 9.02 6.47
N TYR A 227 -17.51 10.24 5.98
CA TYR A 227 -18.19 11.41 6.57
C TYR A 227 -19.15 12.00 5.55
N PRO A 228 -20.45 11.98 5.81
CA PRO A 228 -21.39 12.58 4.85
C PRO A 228 -21.50 14.09 5.06
N HIS A 229 -21.53 14.82 3.94
CA HIS A 229 -21.54 16.27 4.00
C HIS A 229 -22.43 16.80 2.89
N PHE A 230 -23.38 17.66 3.23
CA PHE A 230 -24.28 18.26 2.26
C PHE A 230 -23.63 19.54 1.76
N THR A 231 -23.12 19.50 0.53
CA THR A 231 -22.36 20.61 -0.03
C THR A 231 -22.91 20.98 -1.40
N CYS A 232 -22.78 22.26 -1.74
CA CYS A 232 -23.05 22.76 -3.07
C CYS A 232 -21.73 23.23 -3.70
N ALA A 233 -21.76 23.35 -5.02
CA ALA A 233 -20.53 23.71 -5.75
C ALA A 233 -20.03 25.09 -5.34
N VAL A 234 -20.90 26.10 -5.39
CA VAL A 234 -20.53 27.46 -5.01
C VAL A 234 -20.81 27.60 -3.51
N ASP A 235 -19.85 27.15 -2.71
CA ASP A 235 -19.94 27.22 -1.26
C ASP A 235 -18.63 27.71 -0.69
N THR A 236 -18.69 28.70 0.18
CA THR A 236 -17.47 29.30 0.75
C THR A 236 -16.87 28.45 1.86
N GLU A 237 -17.62 27.50 2.42
CA GLU A 237 -17.16 26.69 3.54
C GLU A 237 -16.79 25.27 3.13
N ASN A 238 -16.56 25.03 1.84
CA ASN A 238 -16.17 23.70 1.40
C ASN A 238 -14.80 23.30 1.93
N ALA A 239 -13.92 24.28 2.13
CA ALA A 239 -12.58 23.97 2.64
C ALA A 239 -12.63 23.55 4.11
N ARG A 240 -13.48 24.19 4.91
CA ARG A 240 -13.55 23.84 6.32
C ARG A 240 -14.10 22.44 6.54
N ARG A 241 -15.03 22.00 5.69
CA ARG A 241 -15.55 20.64 5.77
C ARG A 241 -14.41 19.63 5.56
N ILE A 242 -13.59 19.85 4.53
CA ILE A 242 -12.45 19.00 4.28
C ILE A 242 -11.46 19.05 5.43
N PHE A 243 -11.27 20.25 6.00
CA PHE A 243 -10.39 20.39 7.15
C PHE A 243 -10.85 19.51 8.31
N ASN A 244 -12.13 19.60 8.66
CA ASN A 244 -12.64 18.81 9.78
C ASN A 244 -12.55 17.32 9.48
N ASP A 245 -12.89 16.93 8.25
CA ASP A 245 -12.82 15.50 7.88
C ASP A 245 -11.39 14.99 8.01
N CYS A 246 -10.43 15.70 7.43
CA CYS A 246 -9.04 15.27 7.47
C CYS A 246 -8.51 15.26 8.90
N LYS A 247 -8.86 16.27 9.70
CA LYS A 247 -8.41 16.32 11.08
C LYS A 247 -8.91 15.11 11.86
N ASP A 248 -10.21 14.79 11.71
CA ASP A 248 -10.75 13.64 12.43
C ASP A 248 -10.12 12.34 11.94
N ALA A 249 -9.92 12.21 10.63
CA ALA A 249 -9.34 10.97 10.10
C ALA A 249 -7.91 10.77 10.60
N ILE A 250 -7.10 11.84 10.57
CA ILE A 250 -5.73 11.72 11.04
C ILE A 250 -5.69 11.49 12.54
N LEU A 251 -6.62 12.09 13.28
CA LEU A 251 -6.69 11.86 14.72
C LEU A 251 -6.99 10.40 15.03
N GLN A 252 -7.95 9.81 14.31
CA GLN A 252 -8.26 8.40 14.51
C GLN A 252 -7.09 7.51 14.12
N MET A 253 -6.41 7.85 13.01
CA MET A 253 -5.26 7.07 12.59
C MET A 253 -4.14 7.12 13.63
N ASN A 254 -3.90 8.30 14.21
CA ASN A 254 -2.88 8.44 15.23
C ASN A 254 -3.25 7.71 16.51
N LEU A 255 -4.52 7.78 16.90
CA LEU A 255 -4.97 7.05 18.10
C LEU A 255 -4.82 5.55 17.92
N ARG A 256 -5.18 5.03 16.75
CA ARG A 256 -4.95 3.61 16.49
C ARG A 256 -3.46 3.30 16.45
N GLU A 257 -2.66 4.21 15.89
CA GLU A 257 -1.21 4.01 15.85
C GLU A 257 -0.61 3.98 17.25
N TYR A 258 -1.07 4.86 18.14
CA TYR A 258 -0.64 4.82 19.52
C TYR A 258 -1.38 3.70 20.26
N ASN A 259 -1.03 3.51 21.53
CA ASN A 259 -1.71 2.52 22.36
C ASN A 259 -3.13 2.96 22.73
N LEU A 260 -3.47 4.22 22.46
CA LEU A 260 -4.77 4.77 22.85
C LEU A 260 -5.94 4.13 22.11
N VAL A 261 -5.67 3.49 20.97
CA VAL A 261 -6.69 2.85 20.11
C VAL A 261 -7.99 3.63 20.04
N GLU B 9 -25.56 -10.36 -41.71
CA GLU B 9 -24.13 -10.42 -42.00
C GLU B 9 -23.31 -10.55 -40.73
N LEU B 10 -23.78 -9.88 -39.66
CA LEU B 10 -23.07 -9.95 -38.38
C LEU B 10 -23.11 -11.35 -37.81
N ASP B 11 -24.24 -12.06 -37.97
CA ASP B 11 -24.32 -13.44 -37.50
C ASP B 11 -23.34 -14.32 -38.26
N GLN B 12 -23.24 -14.14 -39.57
CA GLN B 12 -22.26 -14.90 -40.36
C GLN B 12 -20.84 -14.57 -39.93
N LEU B 13 -20.57 -13.29 -39.63
CA LEU B 13 -19.24 -12.91 -39.17
C LEU B 13 -18.90 -13.59 -37.85
N ARG B 14 -19.86 -13.62 -36.91
CA ARG B 14 -19.61 -14.29 -35.65
C ARG B 14 -19.41 -15.79 -35.86
N GLN B 15 -20.21 -16.39 -36.74
CA GLN B 15 -20.08 -17.83 -37.00
C GLN B 15 -18.70 -18.16 -37.58
N GLU B 16 -18.23 -17.37 -38.55
CA GLU B 16 -16.92 -17.65 -39.13
C GLU B 16 -15.80 -17.33 -38.15
N ALA B 17 -15.97 -16.33 -37.28
CA ALA B 17 -14.99 -16.08 -36.24
C ALA B 17 -14.88 -17.26 -35.29
N GLU B 18 -16.03 -17.83 -34.91
CA GLU B 18 -16.01 -19.03 -34.06
C GLU B 18 -15.38 -20.20 -34.80
N GLN B 19 -15.64 -20.31 -36.10
CA GLN B 19 -15.04 -21.38 -36.90
C GLN B 19 -13.52 -21.27 -36.89
N LEU B 20 -12.99 -20.07 -37.12
CA LEU B 20 -11.55 -19.87 -37.10
C LEU B 20 -10.98 -20.09 -35.71
N LYS B 21 -11.71 -19.68 -34.66
CA LYS B 21 -11.23 -19.89 -33.30
C LYS B 21 -11.11 -21.37 -32.98
N ASN B 22 -12.13 -22.16 -33.34
CA ASN B 22 -12.05 -23.59 -33.06
C ASN B 22 -11.06 -24.29 -33.99
N GLN B 23 -10.82 -23.73 -35.18
CA GLN B 23 -9.74 -24.25 -36.02
C GLN B 23 -8.39 -24.04 -35.36
N ILE B 24 -8.17 -22.86 -34.77
CA ILE B 24 -6.92 -22.61 -34.06
C ILE B 24 -6.81 -23.53 -32.84
N ARG B 25 -7.92 -23.76 -32.14
CA ARG B 25 -7.90 -24.68 -31.01
C ARG B 25 -7.58 -26.10 -31.46
N ASP B 26 -8.12 -26.52 -32.59
CA ASP B 26 -7.81 -27.85 -33.12
C ASP B 26 -6.34 -27.95 -33.52
N ALA B 27 -5.78 -26.88 -34.09
CA ALA B 27 -4.35 -26.88 -34.39
C ALA B 27 -3.51 -27.00 -33.14
N ARG B 28 -3.90 -26.27 -32.08
CA ARG B 28 -3.19 -26.37 -30.80
C ARG B 28 -3.27 -27.80 -30.25
N LYS B 29 -4.45 -28.42 -30.34
CA LYS B 29 -4.61 -29.79 -29.86
C LYS B 29 -3.76 -30.75 -30.68
N ALA B 30 -3.69 -30.54 -31.99
CA ALA B 30 -2.86 -31.40 -32.85
C ALA B 30 -1.38 -31.21 -32.55
N CYS B 31 -0.99 -30.03 -32.06
CA CYS B 31 0.40 -29.76 -31.68
C CYS B 31 0.61 -29.89 -30.18
N ALA B 32 -0.11 -30.81 -29.52
CA ALA B 32 0.02 -31.03 -28.09
C ALA B 32 0.97 -32.17 -27.76
N ASP B 33 0.69 -33.37 -28.27
CA ASP B 33 1.54 -34.55 -28.11
C ASP B 33 1.66 -34.95 -26.65
N ALA B 34 2.38 -34.14 -25.86
CA ALA B 34 2.59 -34.43 -24.45
C ALA B 34 2.93 -33.14 -23.72
N THR B 35 2.82 -33.17 -22.40
CA THR B 35 3.13 -32.01 -21.58
C THR B 35 4.62 -31.97 -21.25
N LEU B 36 5.10 -30.75 -20.99
CA LEU B 36 6.52 -30.57 -20.69
C LEU B 36 6.87 -31.22 -19.35
N SER B 37 5.95 -31.15 -18.39
CA SER B 37 6.20 -31.70 -17.05
C SER B 37 6.43 -33.21 -17.12
N GLN B 38 5.64 -33.91 -17.93
CA GLN B 38 5.77 -35.36 -18.01
C GLN B 38 7.12 -35.77 -18.58
N ILE B 39 7.58 -35.08 -19.64
CA ILE B 39 8.86 -35.43 -20.27
C ILE B 39 10.05 -34.85 -19.53
N THR B 40 9.85 -33.91 -18.61
CA THR B 40 10.93 -33.31 -17.86
C THR B 40 10.91 -33.70 -16.39
N ASN B 41 10.36 -34.87 -16.08
CA ASN B 41 10.31 -35.36 -14.70
C ASN B 41 11.61 -36.00 -14.24
N ASN B 42 12.58 -36.18 -15.14
CA ASN B 42 13.85 -36.82 -14.81
C ASN B 42 14.93 -35.83 -14.39
N ILE B 43 14.61 -34.53 -14.35
CA ILE B 43 15.61 -33.53 -13.96
C ILE B 43 15.87 -33.62 -12.48
N ASP B 44 17.12 -33.43 -12.08
CA ASP B 44 17.47 -33.36 -10.67
C ASP B 44 16.88 -32.09 -10.07
N PRO B 45 16.09 -32.17 -9.01
CA PRO B 45 15.50 -30.95 -8.44
C PRO B 45 16.56 -30.00 -7.92
N VAL B 46 16.31 -28.71 -8.11
CA VAL B 46 17.24 -27.68 -7.62
C VAL B 46 17.29 -27.70 -6.11
N GLY B 47 16.14 -27.82 -5.46
CA GLY B 47 16.09 -27.78 -4.01
C GLY B 47 15.95 -26.37 -3.48
N ARG B 48 16.09 -26.28 -2.15
CA ARG B 48 15.96 -24.98 -1.48
C ARG B 48 17.07 -24.04 -1.94
N ILE B 49 16.68 -22.80 -2.25
CA ILE B 49 17.62 -21.74 -2.61
C ILE B 49 17.49 -20.66 -1.56
N GLN B 50 18.56 -20.43 -0.81
CA GLN B 50 18.56 -19.46 0.30
C GLN B 50 19.23 -18.19 -0.19
N MET B 51 18.41 -17.18 -0.51
CA MET B 51 18.89 -15.88 -0.97
C MET B 51 18.68 -14.86 0.15
N ARG B 52 19.76 -14.26 0.61
CA ARG B 52 19.69 -13.26 1.67
C ARG B 52 19.65 -11.86 1.05
N THR B 53 19.46 -10.86 1.90
CA THR B 53 19.50 -9.46 1.48
C THR B 53 20.91 -8.93 1.65
N ARG B 54 21.42 -8.24 0.62
CA ARG B 54 22.79 -7.74 0.64
C ARG B 54 22.84 -6.29 1.09
N ARG B 55 22.16 -5.40 0.38
CA ARG B 55 22.13 -3.99 0.72
C ARG B 55 20.72 -3.46 0.54
N THR B 56 20.27 -2.64 1.50
CA THR B 56 18.96 -2.03 1.46
C THR B 56 19.10 -0.59 0.96
N LEU B 57 18.37 -0.25 -0.09
CA LEU B 57 18.43 1.05 -0.72
C LEU B 57 17.26 1.89 -0.21
N ARG B 58 17.51 2.70 0.81
CA ARG B 58 16.46 3.47 1.48
C ARG B 58 16.76 4.96 1.32
N GLY B 59 16.17 5.57 0.29
CA GLY B 59 16.29 6.99 0.10
C GLY B 59 15.03 7.61 -0.47
N HIS B 60 13.98 6.82 -0.58
CA HIS B 60 12.73 7.24 -1.22
C HIS B 60 11.70 7.65 -0.17
N LEU B 61 10.70 8.40 -0.64
CA LEU B 61 9.67 8.94 0.23
C LEU B 61 8.31 8.27 0.06
N ALA B 62 8.02 7.71 -1.12
CA ALA B 62 6.75 7.07 -1.37
C ALA B 62 6.96 5.68 -1.97
N LYS B 63 5.89 5.07 -2.45
CA LYS B 63 5.98 3.72 -3.00
C LYS B 63 6.77 3.73 -4.31
N ILE B 64 7.27 2.55 -4.67
CA ILE B 64 8.09 2.36 -5.86
C ILE B 64 7.34 1.44 -6.81
N TYR B 65 7.21 1.86 -8.07
CA TYR B 65 6.54 1.06 -9.08
C TYR B 65 7.48 0.45 -10.11
N ALA B 66 8.50 1.19 -10.56
CA ALA B 66 9.33 0.74 -11.66
C ALA B 66 10.80 0.89 -11.34
N MET B 67 11.58 -0.12 -11.73
CA MET B 67 13.04 -0.07 -11.69
C MET B 67 13.56 -0.81 -12.91
N HIS B 68 14.80 -0.49 -13.29
CA HIS B 68 15.43 -1.15 -14.43
C HIS B 68 16.93 -1.19 -14.21
N TRP B 69 17.50 -2.39 -14.22
CA TRP B 69 18.94 -2.54 -14.06
C TRP B 69 19.68 -2.06 -15.30
N GLY B 70 20.89 -1.55 -15.08
CA GLY B 70 21.69 -1.05 -16.18
C GLY B 70 22.37 -2.15 -16.97
N THR B 71 22.87 -1.76 -18.14
CA THR B 71 23.61 -2.70 -18.97
C THR B 71 24.92 -3.11 -18.31
N ASP B 72 25.59 -2.17 -17.65
CA ASP B 72 26.81 -2.47 -16.90
C ASP B 72 26.54 -3.29 -15.64
N SER B 73 25.28 -3.44 -15.26
CA SER B 73 24.87 -4.19 -14.07
C SER B 73 25.45 -3.61 -12.78
N ARG B 74 25.85 -2.34 -12.81
CA ARG B 74 26.41 -1.67 -11.64
C ARG B 74 25.44 -0.67 -11.02
N LEU B 75 24.62 -0.01 -11.82
CA LEU B 75 23.73 1.03 -11.34
C LEU B 75 22.31 0.79 -11.85
N LEU B 76 21.34 1.22 -11.04
CA LEU B 76 19.92 1.00 -11.34
C LEU B 76 19.14 2.28 -11.08
N VAL B 77 17.97 2.36 -11.70
CA VAL B 77 17.07 3.50 -11.58
C VAL B 77 15.84 3.05 -10.80
N SER B 78 15.15 4.02 -10.19
CA SER B 78 13.98 3.73 -9.37
C SER B 78 12.94 4.82 -9.55
N ALA B 79 11.69 4.47 -9.24
CA ALA B 79 10.56 5.38 -9.34
C ALA B 79 9.95 5.62 -7.97
N SER B 80 9.28 6.77 -7.83
CA SER B 80 8.60 7.14 -6.60
C SER B 80 7.53 8.17 -6.91
N GLN B 81 6.40 8.10 -6.20
CA GLN B 81 5.30 9.01 -6.43
C GLN B 81 5.55 10.41 -5.90
N ASP B 82 6.62 10.62 -5.14
CA ASP B 82 6.98 11.99 -4.76
C ASP B 82 7.44 12.77 -5.99
N GLY B 83 8.09 12.09 -6.93
CA GLY B 83 8.64 12.73 -8.10
C GLY B 83 10.13 12.59 -8.26
N LYS B 84 10.72 11.48 -7.81
CA LYS B 84 12.15 11.26 -7.87
C LYS B 84 12.47 10.13 -8.84
N LEU B 85 13.58 10.28 -9.56
CA LEU B 85 14.08 9.30 -10.52
C LEU B 85 15.52 8.94 -10.16
N ILE B 86 15.71 8.62 -8.87
CA ILE B 86 17.05 8.45 -8.32
C ILE B 86 17.77 7.31 -9.02
N ILE B 87 19.02 7.54 -9.39
CA ILE B 87 19.89 6.52 -9.96
C ILE B 87 20.85 6.06 -8.86
N TRP B 88 20.76 4.79 -8.50
CA TRP B 88 21.52 4.24 -7.39
C TRP B 88 22.74 3.48 -7.89
N ASP B 89 23.77 3.43 -7.05
CA ASP B 89 24.95 2.59 -7.27
C ASP B 89 24.86 1.44 -6.27
N SER B 90 24.45 0.27 -6.76
CA SER B 90 24.14 -0.84 -5.86
C SER B 90 25.38 -1.31 -5.11
N TYR B 91 26.54 -1.27 -5.75
CA TYR B 91 27.75 -1.79 -5.12
C TYR B 91 28.11 -0.99 -3.87
N THR B 92 27.98 0.34 -3.92
CA THR B 92 28.37 1.20 -2.82
C THR B 92 27.18 1.76 -2.06
N THR B 93 25.97 1.61 -2.59
CA THR B 93 24.76 2.23 -2.04
C THR B 93 24.94 3.75 -1.98
N ASN B 94 25.23 4.32 -3.14
CA ASN B 94 25.40 5.76 -3.30
C ASN B 94 24.46 6.27 -4.40
N LYS B 95 23.75 7.35 -4.11
CA LYS B 95 22.82 7.94 -5.05
C LYS B 95 23.59 8.91 -5.95
N VAL B 96 23.87 8.48 -7.18
CA VAL B 96 24.66 9.31 -8.09
C VAL B 96 23.83 10.43 -8.70
N HIS B 97 22.51 10.32 -8.72
CA HIS B 97 21.66 11.34 -9.31
C HIS B 97 20.30 11.32 -8.63
N ALA B 98 19.60 12.45 -8.74
CA ALA B 98 18.25 12.57 -8.20
C ALA B 98 17.49 13.53 -9.09
N ILE B 99 16.58 13.00 -9.90
CA ILE B 99 15.90 13.75 -10.95
C ILE B 99 14.51 14.12 -10.43
N PRO B 100 14.22 15.41 -10.19
CA PRO B 100 12.86 15.81 -9.78
C PRO B 100 11.92 15.87 -10.98
N LEU B 101 10.94 14.99 -10.99
CA LEU B 101 10.00 14.92 -12.10
C LEU B 101 9.01 16.09 -12.06
N ARG B 102 8.60 16.53 -13.26
CA ARG B 102 7.58 17.57 -13.34
C ARG B 102 6.26 17.08 -12.78
N SER B 103 5.87 15.87 -13.12
CA SER B 103 4.64 15.26 -12.62
C SER B 103 4.97 14.28 -11.51
N SER B 104 4.25 14.38 -10.39
CA SER B 104 4.54 13.54 -9.24
C SER B 104 4.31 12.07 -9.50
N TRP B 105 3.39 11.71 -10.38
CA TRP B 105 3.00 10.32 -10.62
C TRP B 105 3.85 9.74 -11.73
N VAL B 106 4.66 8.73 -11.40
CA VAL B 106 5.46 7.98 -12.36
C VAL B 106 5.21 6.50 -12.13
N MET B 107 5.07 5.75 -13.22
CA MET B 107 4.87 4.31 -13.13
C MET B 107 5.85 3.49 -13.96
N THR B 108 6.62 4.10 -14.85
CA THR B 108 7.55 3.37 -15.70
C THR B 108 8.94 4.00 -15.60
N CYS B 109 9.96 3.15 -15.70
CA CYS B 109 11.34 3.58 -15.67
C CYS B 109 12.16 2.68 -16.59
N ALA B 110 12.96 3.29 -17.46
CA ALA B 110 13.81 2.57 -18.38
C ALA B 110 15.20 3.18 -18.36
N TYR B 111 16.22 2.33 -18.52
CA TYR B 111 17.60 2.76 -18.57
C TYR B 111 18.15 2.41 -19.95
N ALA B 112 18.63 3.41 -20.68
CA ALA B 112 19.09 3.18 -22.04
C ALA B 112 20.34 2.30 -22.03
N PRO B 113 20.50 1.42 -23.02
CA PRO B 113 21.74 0.62 -23.10
C PRO B 113 22.98 1.47 -23.24
N SER B 114 22.89 2.64 -23.90
CA SER B 114 24.03 3.53 -24.01
C SER B 114 24.43 4.13 -22.67
N GLY B 115 23.56 4.09 -21.67
CA GLY B 115 23.86 4.61 -20.36
C GLY B 115 23.71 6.11 -20.21
N ASN B 116 23.25 6.81 -21.24
CA ASN B 116 23.12 8.26 -21.19
C ASN B 116 21.70 8.74 -20.96
N TYR B 117 20.70 7.94 -21.25
CA TYR B 117 19.31 8.36 -21.20
C TYR B 117 18.52 7.51 -20.22
N VAL B 118 17.65 8.16 -19.45
CA VAL B 118 16.76 7.49 -18.51
C VAL B 118 15.34 8.01 -18.75
N ALA B 119 14.38 7.10 -18.84
CA ALA B 119 13.01 7.44 -19.19
C ALA B 119 12.09 7.39 -17.96
N CYS B 120 10.96 8.09 -18.08
CA CYS B 120 9.95 8.10 -17.04
C CYS B 120 8.59 8.37 -17.68
N GLY B 121 7.54 8.03 -16.96
CA GLY B 121 6.18 8.23 -17.42
C GLY B 121 5.26 8.56 -16.28
N GLY B 122 4.03 8.04 -16.36
CA GLY B 122 3.04 8.20 -15.31
C GLY B 122 1.71 8.61 -15.87
N LEU B 123 0.84 9.12 -14.99
CA LEU B 123 -0.50 9.54 -15.37
C LEU B 123 -0.49 10.80 -16.23
N ASP B 124 0.64 11.50 -16.33
CA ASP B 124 0.73 12.71 -17.13
C ASP B 124 0.67 12.45 -18.63
N ASN B 125 0.71 11.18 -19.04
CA ASN B 125 0.68 10.79 -20.45
C ASN B 125 1.90 11.34 -21.20
N ILE B 126 3.01 11.51 -20.50
CA ILE B 126 4.24 12.04 -21.06
C ILE B 126 5.36 11.05 -20.79
N CYS B 127 6.06 10.65 -21.84
CA CYS B 127 7.23 9.77 -21.72
C CYS B 127 8.47 10.63 -21.76
N SER B 128 8.72 11.34 -20.67
CA SER B 128 9.87 12.24 -20.59
C SER B 128 11.17 11.45 -20.59
N ILE B 129 12.15 11.93 -21.36
CA ILE B 129 13.45 11.29 -21.47
C ILE B 129 14.49 12.25 -20.93
N TYR B 130 15.28 11.78 -19.98
CA TYR B 130 16.31 12.57 -19.33
C TYR B 130 17.69 12.13 -19.79
N ASN B 131 18.54 13.08 -20.13
CA ASN B 131 19.93 12.81 -20.48
C ASN B 131 20.84 13.05 -19.28
N LEU B 132 21.92 12.29 -19.21
CA LEU B 132 22.85 12.34 -18.09
C LEU B 132 24.18 12.98 -18.44
N LYS B 133 24.84 12.51 -19.50
CA LYS B 133 26.14 13.04 -19.90
C LYS B 133 25.92 14.37 -20.60
N THR B 134 25.95 15.45 -19.81
CA THR B 134 25.75 16.80 -20.32
C THR B 134 26.89 17.70 -19.86
N ARG B 135 27.15 18.74 -20.67
CA ARG B 135 28.26 19.64 -20.36
C ARG B 135 28.04 20.39 -19.05
N GLU B 136 26.81 20.84 -18.81
CA GLU B 136 26.53 21.61 -17.59
C GLU B 136 26.51 20.73 -16.34
N GLY B 137 26.39 19.41 -16.50
CA GLY B 137 26.44 18.51 -15.38
C GLY B 137 25.12 18.29 -14.65
N ASN B 138 24.05 18.95 -15.07
CA ASN B 138 22.75 18.81 -14.44
C ASN B 138 21.78 18.11 -15.39
N VAL B 139 20.98 17.21 -14.84
CA VAL B 139 20.01 16.47 -15.64
C VAL B 139 18.94 17.42 -16.16
N ARG B 140 18.36 17.06 -17.30
CA ARG B 140 17.34 17.89 -17.94
C ARG B 140 16.50 17.01 -18.84
N VAL B 141 15.35 17.55 -19.25
CA VAL B 141 14.44 16.83 -20.15
C VAL B 141 15.00 16.91 -21.56
N SER B 142 15.42 15.75 -22.09
CA SER B 142 15.91 15.71 -23.47
C SER B 142 14.78 15.93 -24.47
N ARG B 143 13.67 15.20 -24.29
CA ARG B 143 12.52 15.33 -25.16
C ARG B 143 11.27 15.06 -24.33
N GLU B 144 10.17 15.73 -24.69
CA GLU B 144 8.90 15.59 -23.99
C GLU B 144 7.92 14.91 -24.95
N LEU B 145 7.89 13.58 -24.91
CA LEU B 145 7.06 12.81 -25.81
C LEU B 145 5.59 12.90 -25.39
N ALA B 146 4.71 13.19 -26.34
CA ALA B 146 3.30 13.32 -26.08
C ALA B 146 2.51 12.72 -27.24
N GLY B 147 1.28 12.30 -26.94
CA GLY B 147 0.43 11.72 -27.96
C GLY B 147 -0.42 10.58 -27.44
N HIS B 148 -0.11 10.08 -26.25
CA HIS B 148 -0.89 9.01 -25.65
C HIS B 148 -2.12 9.59 -24.94
N THR B 149 -3.05 8.70 -24.59
CA THR B 149 -4.29 9.07 -23.95
C THR B 149 -4.48 8.46 -22.57
N GLY B 150 -4.18 7.16 -22.41
CA GLY B 150 -4.33 6.50 -21.14
C GLY B 150 -3.11 6.64 -20.25
N TYR B 151 -3.20 6.01 -19.08
CA TYR B 151 -2.07 6.03 -18.14
C TYR B 151 -0.89 5.27 -18.71
N LEU B 152 0.31 5.81 -18.51
CA LEU B 152 1.51 5.24 -19.07
C LEU B 152 2.06 4.20 -18.09
N SER B 153 2.30 2.98 -18.57
CA SER B 153 2.57 1.86 -17.69
C SER B 153 4.02 1.37 -17.77
N CYS B 154 4.51 1.04 -18.97
CA CYS B 154 5.85 0.47 -19.09
C CYS B 154 6.49 0.95 -20.39
N CYS B 155 7.70 1.48 -20.27
CA CYS B 155 8.49 1.93 -21.41
C CYS B 155 9.86 1.26 -21.39
N ARG B 156 10.37 0.93 -22.57
CA ARG B 156 11.67 0.29 -22.69
C ARG B 156 12.41 0.90 -23.88
N PHE B 157 13.74 0.80 -23.84
CA PHE B 157 14.62 1.40 -24.84
C PHE B 157 15.05 0.33 -25.84
N LEU B 158 14.68 0.53 -27.11
CA LEU B 158 15.26 -0.29 -28.18
C LEU B 158 16.72 0.08 -28.41
N ASP B 159 17.00 1.38 -28.49
CA ASP B 159 18.35 1.91 -28.66
C ASP B 159 18.35 3.35 -28.17
N ASP B 160 19.41 4.09 -28.50
CA ASP B 160 19.50 5.48 -28.09
C ASP B 160 18.53 6.39 -28.82
N ASN B 161 17.87 5.89 -29.87
CA ASN B 161 17.00 6.72 -30.70
C ASN B 161 15.54 6.25 -30.75
N GLN B 162 15.23 5.04 -30.33
CA GLN B 162 13.88 4.50 -30.39
C GLN B 162 13.50 3.87 -29.06
N ILE B 163 12.24 4.04 -28.66
CA ILE B 163 11.70 3.43 -27.45
C ILE B 163 10.31 2.89 -27.76
N VAL B 164 9.95 1.80 -27.07
CA VAL B 164 8.61 1.22 -27.15
C VAL B 164 7.91 1.48 -25.83
N THR B 165 6.72 2.07 -25.90
CA THR B 165 6.00 2.51 -24.72
C THR B 165 4.56 2.02 -24.77
N SER B 166 4.06 1.55 -23.63
CA SER B 166 2.69 1.06 -23.51
C SER B 166 1.90 1.99 -22.60
N SER B 167 0.68 2.32 -23.00
CA SER B 167 -0.19 3.22 -22.27
C SER B 167 -1.52 2.55 -21.98
N GLY B 168 -2.40 3.27 -21.28
CA GLY B 168 -3.71 2.76 -20.92
C GLY B 168 -4.77 2.85 -22.00
N ASP B 169 -4.42 3.37 -23.17
CA ASP B 169 -5.35 3.49 -24.29
C ASP B 169 -5.35 2.28 -25.21
N THR B 170 -4.97 1.10 -24.69
CA THR B 170 -4.99 -0.17 -25.42
C THR B 170 -4.05 -0.19 -26.62
N THR B 171 -3.08 0.72 -26.68
CA THR B 171 -2.15 0.80 -27.80
C THR B 171 -0.73 0.88 -27.29
N CYS B 172 0.19 0.28 -28.05
CA CYS B 172 1.63 0.41 -27.82
C CYS B 172 2.22 1.17 -29.00
N ALA B 173 2.97 2.23 -28.71
CA ALA B 173 3.52 3.10 -29.73
C ALA B 173 5.04 3.11 -29.65
N LEU B 174 5.67 3.02 -30.81
CA LEU B 174 7.12 3.11 -30.94
C LEU B 174 7.47 4.53 -31.35
N TRP B 175 8.42 5.14 -30.65
CA TRP B 175 8.69 6.56 -30.81
C TRP B 175 10.06 6.76 -31.43
N ASP B 176 10.38 8.03 -31.71
CA ASP B 176 11.68 8.44 -32.24
C ASP B 176 12.04 9.71 -31.47
N ILE B 177 12.95 9.58 -30.51
CA ILE B 177 13.27 10.69 -29.61
C ILE B 177 13.84 11.87 -30.40
N GLU B 178 14.62 11.59 -31.44
CA GLU B 178 15.24 12.67 -32.21
C GLU B 178 14.19 13.56 -32.85
N THR B 179 13.13 12.98 -33.40
CA THR B 179 12.10 13.76 -34.07
C THR B 179 10.80 13.85 -33.26
N GLY B 180 10.65 13.06 -32.20
CA GLY B 180 9.46 13.16 -31.37
C GLY B 180 8.17 12.82 -32.07
N GLN B 181 8.16 11.72 -32.84
CA GLN B 181 6.98 11.32 -33.59
C GLN B 181 6.71 9.84 -33.37
N GLN B 182 5.44 9.45 -33.52
CA GLN B 182 5.01 8.07 -33.38
C GLN B 182 5.19 7.39 -34.74
N THR B 183 6.26 6.60 -34.87
CA THR B 183 6.54 5.94 -36.15
C THR B 183 5.47 4.89 -36.47
N THR B 184 5.06 4.11 -35.48
CA THR B 184 4.08 3.04 -35.70
C THR B 184 3.30 2.81 -34.42
N THR B 185 1.99 2.60 -34.57
CA THR B 185 1.10 2.32 -33.44
C THR B 185 0.59 0.90 -33.55
N PHE B 186 0.70 0.14 -32.44
CA PHE B 186 0.26 -1.25 -32.40
C PHE B 186 -1.11 -1.27 -31.71
N THR B 187 -2.16 -1.23 -32.52
CA THR B 187 -3.54 -1.13 -32.03
C THR B 187 -4.21 -2.49 -32.24
N GLY B 188 -4.10 -3.35 -31.24
CA GLY B 188 -4.73 -4.65 -31.32
C GLY B 188 -5.33 -5.17 -30.04
N HIS B 189 -5.23 -4.39 -28.96
CA HIS B 189 -5.68 -4.83 -27.65
C HIS B 189 -7.08 -4.31 -27.35
N THR B 190 -7.76 -5.00 -26.44
CA THR B 190 -9.08 -4.61 -25.95
C THR B 190 -9.00 -3.83 -24.65
N GLY B 191 -8.17 -4.26 -23.71
CA GLY B 191 -8.00 -3.59 -22.45
C GLY B 191 -6.66 -2.88 -22.34
N ASP B 192 -6.38 -2.40 -21.13
CA ASP B 192 -5.19 -1.61 -20.88
C ASP B 192 -3.95 -2.49 -20.95
N VAL B 193 -3.03 -2.18 -21.86
CA VAL B 193 -1.75 -2.87 -21.91
C VAL B 193 -0.84 -2.29 -20.83
N MET B 194 -0.21 -3.17 -20.05
CA MET B 194 0.52 -2.74 -18.86
C MET B 194 2.01 -3.01 -18.94
N SER B 195 2.42 -4.23 -19.26
CA SER B 195 3.83 -4.61 -19.24
C SER B 195 4.25 -5.10 -20.62
N LEU B 196 5.45 -4.68 -21.04
CA LEU B 196 6.05 -5.14 -22.28
C LEU B 196 7.50 -5.50 -22.01
N SER B 197 8.00 -6.50 -22.75
CA SER B 197 9.38 -6.95 -22.62
C SER B 197 10.00 -7.04 -24.01
N LEU B 198 11.30 -6.79 -24.07
CA LEU B 198 12.04 -6.74 -25.32
C LEU B 198 12.88 -8.01 -25.48
N ALA B 199 12.77 -8.63 -26.65
CA ALA B 199 13.57 -9.81 -26.94
C ALA B 199 15.04 -9.43 -27.13
N PRO B 200 15.95 -10.38 -26.91
CA PRO B 200 17.38 -10.08 -27.13
C PRO B 200 17.72 -9.72 -28.56
N ASP B 201 16.88 -10.10 -29.53
CA ASP B 201 17.12 -9.78 -30.93
C ASP B 201 16.60 -8.40 -31.32
N THR B 202 16.06 -7.64 -30.36
CA THR B 202 15.54 -6.29 -30.52
C THR B 202 14.77 -6.06 -31.82
N ARG B 203 14.01 -7.07 -32.25
CA ARG B 203 13.11 -6.93 -33.38
C ARG B 203 11.69 -7.41 -33.10
N LEU B 204 11.47 -8.19 -32.05
CA LEU B 204 10.14 -8.62 -31.64
C LEU B 204 9.97 -8.35 -30.15
N PHE B 205 8.73 -8.10 -29.73
CA PHE B 205 8.45 -7.87 -28.33
C PHE B 205 7.03 -8.35 -28.02
N VAL B 206 6.80 -8.68 -26.76
CA VAL B 206 5.52 -9.19 -26.29
C VAL B 206 4.93 -8.20 -25.29
N SER B 207 3.63 -7.98 -25.39
CA SER B 207 2.92 -7.02 -24.54
C SER B 207 1.73 -7.70 -23.88
N GLY B 208 1.51 -7.38 -22.61
CA GLY B 208 0.39 -7.95 -21.88
C GLY B 208 -0.66 -6.91 -21.51
N ALA B 209 -1.92 -7.19 -21.85
CA ALA B 209 -3.02 -6.28 -21.59
C ALA B 209 -3.89 -6.81 -20.46
N CYS B 210 -4.95 -6.06 -20.14
CA CYS B 210 -5.89 -6.43 -19.10
C CYS B 210 -7.01 -7.34 -19.61
N ASP B 211 -6.82 -7.96 -20.77
CA ASP B 211 -7.80 -8.89 -21.33
C ASP B 211 -7.30 -10.33 -21.35
N ALA B 212 -6.34 -10.66 -20.48
CA ALA B 212 -5.76 -12.00 -20.40
C ALA B 212 -5.20 -12.45 -21.74
N SER B 213 -4.55 -11.53 -22.45
CA SER B 213 -3.96 -11.83 -23.74
C SER B 213 -2.54 -11.28 -23.79
N ALA B 214 -1.67 -12.03 -24.45
CA ALA B 214 -0.29 -11.63 -24.68
C ALA B 214 -0.04 -11.65 -26.19
N LYS B 215 0.39 -10.52 -26.74
CA LYS B 215 0.53 -10.36 -28.17
C LYS B 215 2.00 -10.16 -28.54
N LEU B 216 2.48 -10.95 -29.50
CA LEU B 216 3.84 -10.83 -30.00
C LEU B 216 3.78 -9.97 -31.26
N TRP B 217 4.39 -8.79 -31.21
CA TRP B 217 4.37 -7.85 -32.32
C TRP B 217 5.71 -7.87 -33.06
N ASP B 218 5.68 -7.40 -34.29
CA ASP B 218 6.88 -7.24 -35.10
C ASP B 218 7.24 -5.76 -35.12
N VAL B 219 8.45 -5.43 -34.68
CA VAL B 219 8.86 -4.03 -34.55
C VAL B 219 8.89 -3.36 -35.92
N ARG B 220 9.45 -4.03 -36.92
CA ARG B 220 9.62 -3.41 -38.22
C ARG B 220 8.29 -3.26 -38.95
N GLU B 221 7.60 -4.37 -39.18
CA GLU B 221 6.34 -4.33 -39.94
C GLU B 221 5.20 -3.70 -39.15
N GLY B 222 5.30 -3.62 -37.83
CA GLY B 222 4.28 -2.98 -37.02
C GLY B 222 2.94 -3.68 -37.01
N MET B 223 2.93 -5.00 -36.89
CA MET B 223 1.69 -5.77 -36.82
C MET B 223 1.86 -6.90 -35.82
N CYS B 224 0.74 -7.41 -35.36
CA CYS B 224 0.73 -8.51 -34.37
C CYS B 224 0.93 -9.83 -35.11
N ARG B 225 2.12 -10.42 -34.93
CA ARG B 225 2.41 -11.70 -35.58
C ARG B 225 1.51 -12.80 -35.04
N GLN B 226 1.32 -12.87 -33.72
CA GLN B 226 0.52 -13.91 -33.11
C GLN B 226 0.09 -13.46 -31.73
N THR B 227 -0.97 -14.09 -31.22
CA THR B 227 -1.54 -13.75 -29.92
C THR B 227 -1.58 -14.98 -29.03
N PHE B 228 -1.45 -14.76 -27.72
CA PHE B 228 -1.44 -15.82 -26.73
C PHE B 228 -2.52 -15.55 -25.69
N THR B 229 -3.21 -16.61 -25.29
CA THR B 229 -4.34 -16.52 -24.37
C THR B 229 -4.37 -17.78 -23.51
N GLY B 230 -5.05 -17.71 -22.37
CA GLY B 230 -5.10 -18.83 -21.45
C GLY B 230 -5.18 -18.42 -20.00
N HIS B 231 -4.99 -17.13 -19.72
CA HIS B 231 -5.16 -16.60 -18.38
C HIS B 231 -6.64 -16.31 -18.10
N GLU B 232 -6.98 -16.27 -16.83
CA GLU B 232 -8.36 -15.99 -16.43
C GLU B 232 -8.59 -14.53 -16.09
N SER B 233 -7.58 -13.83 -15.58
CA SER B 233 -7.70 -12.43 -15.18
C SER B 233 -6.67 -11.60 -15.94
N ASP B 234 -6.66 -10.31 -15.63
CA ASP B 234 -5.75 -9.38 -16.28
C ASP B 234 -4.30 -9.69 -15.92
N ILE B 235 -3.42 -9.57 -16.92
CA ILE B 235 -1.99 -9.82 -16.73
C ILE B 235 -1.27 -8.49 -16.71
N ASN B 236 -0.34 -8.33 -15.75
CA ASN B 236 0.40 -7.10 -15.57
C ASN B 236 1.90 -7.33 -15.44
N ALA B 237 2.38 -8.54 -15.65
CA ALA B 237 3.80 -8.86 -15.62
C ALA B 237 4.13 -9.73 -16.81
N ILE B 238 5.26 -9.44 -17.45
CA ILE B 238 5.66 -10.20 -18.64
C ILE B 238 7.16 -10.03 -18.81
N CYS B 239 7.81 -11.08 -19.33
CA CYS B 239 9.26 -11.06 -19.50
C CYS B 239 9.72 -12.14 -20.48
N PHE B 240 10.59 -11.77 -21.41
CA PHE B 240 11.14 -12.73 -22.36
C PHE B 240 12.08 -13.72 -21.69
N PHE B 241 12.07 -14.94 -22.21
CA PHE B 241 13.12 -15.89 -21.89
C PHE B 241 14.42 -15.44 -22.56
N PRO B 242 15.57 -15.74 -21.95
CA PRO B 242 16.85 -15.30 -22.55
C PRO B 242 17.08 -15.81 -23.96
N ASN B 243 16.59 -17.01 -24.30
CA ASN B 243 16.81 -17.53 -25.64
C ASN B 243 15.97 -16.80 -26.69
N GLY B 244 14.81 -16.28 -26.30
CA GLY B 244 13.95 -15.55 -27.20
C GLY B 244 12.79 -16.32 -27.80
N ASN B 245 12.57 -17.57 -27.37
CA ASN B 245 11.46 -18.38 -27.87
C ASN B 245 10.47 -18.74 -26.77
N ALA B 246 10.47 -18.00 -25.66
CA ALA B 246 9.53 -18.23 -24.58
C ALA B 246 9.39 -16.94 -23.78
N PHE B 247 8.30 -16.86 -23.03
CA PHE B 247 8.05 -15.71 -22.18
C PHE B 247 6.97 -16.06 -21.16
N ALA B 248 7.09 -15.50 -19.96
CA ALA B 248 6.20 -15.78 -18.85
C ALA B 248 5.36 -14.56 -18.52
N THR B 249 4.10 -14.79 -18.18
CA THR B 249 3.16 -13.73 -17.82
C THR B 249 2.57 -14.00 -16.46
N GLY B 250 2.43 -12.95 -15.66
CA GLY B 250 1.84 -13.07 -14.33
C GLY B 250 0.54 -12.31 -14.21
N SER B 251 -0.57 -13.04 -14.04
CA SER B 251 -1.89 -12.43 -13.97
C SER B 251 -2.24 -12.10 -12.51
N ASP B 252 -3.46 -11.59 -12.32
CA ASP B 252 -3.96 -11.26 -10.99
C ASP B 252 -4.68 -12.43 -10.32
N ASP B 253 -4.82 -13.57 -11.00
CA ASP B 253 -5.46 -14.74 -10.43
C ASP B 253 -4.46 -15.70 -9.78
N ALA B 254 -3.31 -15.18 -9.33
CA ALA B 254 -2.29 -15.96 -8.64
C ALA B 254 -1.80 -17.13 -9.48
N THR B 255 -1.57 -16.88 -10.77
CA THR B 255 -1.03 -17.89 -11.67
C THR B 255 0.07 -17.28 -12.51
N CYS B 256 1.12 -18.07 -12.75
CA CYS B 256 2.19 -17.69 -13.67
C CYS B 256 2.24 -18.73 -14.79
N ARG B 257 2.22 -18.25 -16.03
CA ARG B 257 2.24 -19.10 -17.21
C ARG B 257 3.56 -18.93 -17.94
N LEU B 258 3.79 -19.80 -18.93
CA LEU B 258 4.99 -19.73 -19.78
C LEU B 258 4.57 -20.15 -21.19
N PHE B 259 4.28 -19.16 -22.02
CA PHE B 259 3.93 -19.43 -23.41
C PHE B 259 5.17 -19.42 -24.28
N ASP B 260 5.24 -20.36 -25.22
CA ASP B 260 6.31 -20.43 -26.18
C ASP B 260 5.89 -19.80 -27.50
N LEU B 261 6.79 -19.00 -28.08
CA LEU B 261 6.47 -18.23 -29.28
C LEU B 261 6.22 -19.15 -30.47
N ARG B 262 7.04 -20.19 -30.63
CA ARG B 262 6.99 -21.00 -31.85
C ARG B 262 5.74 -21.87 -31.91
N ALA B 263 5.29 -22.41 -30.77
CA ALA B 263 4.18 -23.35 -30.77
C ALA B 263 2.84 -22.71 -30.44
N ASP B 264 2.83 -21.50 -29.89
CA ASP B 264 1.59 -20.80 -29.53
C ASP B 264 0.74 -21.64 -28.58
N GLN B 265 1.35 -22.03 -27.46
CA GLN B 265 0.68 -22.89 -26.50
C GLN B 265 1.23 -22.66 -25.10
N GLU B 266 0.37 -22.87 -24.12
CA GLU B 266 0.77 -22.86 -22.72
C GLU B 266 1.57 -24.10 -22.37
N LEU B 267 2.59 -23.91 -21.53
CA LEU B 267 3.45 -25.01 -21.10
C LEU B 267 3.17 -25.46 -19.67
N MET B 268 3.20 -24.53 -18.71
CA MET B 268 2.91 -24.83 -17.33
C MET B 268 2.14 -23.68 -16.69
N THR B 269 1.50 -23.99 -15.57
CA THR B 269 0.94 -23.00 -14.66
C THR B 269 1.72 -23.05 -13.35
N TYR B 270 2.29 -21.92 -12.96
CA TYR B 270 3.06 -21.81 -11.71
C TYR B 270 2.14 -21.19 -10.67
N SER B 271 1.38 -22.04 -9.98
CA SER B 271 0.42 -21.59 -8.99
C SER B 271 0.32 -22.63 -7.89
N HIS B 272 -0.17 -22.19 -6.73
CA HIS B 272 -0.38 -23.05 -5.60
C HIS B 272 -1.70 -22.71 -4.94
N ASP B 273 -2.23 -23.68 -4.18
CA ASP B 273 -3.53 -23.49 -3.54
C ASP B 273 -3.49 -22.38 -2.50
N ASN B 274 -2.40 -22.29 -1.74
CA ASN B 274 -2.32 -21.33 -0.64
C ASN B 274 -2.06 -19.90 -1.10
N ILE B 275 -1.80 -19.68 -2.39
CA ILE B 275 -1.54 -18.36 -2.92
C ILE B 275 -2.84 -17.80 -3.49
N ILE B 276 -3.29 -16.67 -2.94
CA ILE B 276 -4.50 -16.01 -3.41
C ILE B 276 -4.24 -14.58 -3.88
N CYS B 277 -3.01 -14.10 -3.77
CA CYS B 277 -2.65 -12.76 -4.19
C CYS B 277 -2.06 -12.78 -5.60
N GLY B 278 -2.32 -11.72 -6.36
CA GLY B 278 -1.88 -11.67 -7.74
C GLY B 278 -0.40 -11.36 -7.88
N ILE B 279 0.12 -11.68 -9.06
CA ILE B 279 1.51 -11.40 -9.41
C ILE B 279 1.61 -9.98 -9.93
N THR B 280 2.71 -9.31 -9.59
CA THR B 280 2.93 -7.93 -9.99
C THR B 280 4.03 -7.79 -11.04
N SER B 281 5.22 -8.31 -10.78
CA SER B 281 6.32 -8.26 -11.71
C SER B 281 7.02 -9.61 -11.77
N VAL B 282 7.53 -9.95 -12.96
CA VAL B 282 8.27 -11.18 -13.18
C VAL B 282 9.58 -10.86 -13.86
N SER B 283 10.58 -11.72 -13.64
CA SER B 283 11.91 -11.50 -14.22
C SER B 283 12.64 -12.84 -14.23
N PHE B 284 13.06 -13.28 -15.41
CA PHE B 284 13.84 -14.50 -15.52
C PHE B 284 15.28 -14.26 -15.09
N SER B 285 16.01 -15.35 -14.89
CA SER B 285 17.43 -15.29 -14.59
C SER B 285 18.23 -15.39 -15.90
N LYS B 286 19.53 -15.58 -15.80
CA LYS B 286 20.39 -15.68 -16.96
C LYS B 286 20.51 -17.11 -17.49
N SER B 287 19.91 -18.09 -16.82
CA SER B 287 19.97 -19.48 -17.25
C SER B 287 18.62 -20.03 -17.67
N GLY B 288 17.62 -19.96 -16.80
CA GLY B 288 16.30 -20.47 -17.13
C GLY B 288 15.64 -21.23 -15.99
N ARG B 289 16.44 -21.84 -15.12
CA ARG B 289 15.88 -22.57 -13.99
C ARG B 289 15.20 -21.66 -12.98
N LEU B 290 15.48 -20.37 -13.04
CA LEU B 290 15.03 -19.43 -12.01
C LEU B 290 14.00 -18.48 -12.64
N LEU B 291 12.76 -18.55 -12.16
CA LEU B 291 11.69 -17.66 -12.60
C LEU B 291 11.19 -16.92 -11.35
N LEU B 292 11.57 -15.66 -11.22
CA LEU B 292 11.19 -14.85 -10.07
C LEU B 292 9.91 -14.09 -10.38
N ALA B 293 8.97 -14.11 -9.46
CA ALA B 293 7.68 -13.45 -9.63
C ALA B 293 7.29 -12.72 -8.36
N GLY B 294 6.95 -11.44 -8.49
CA GLY B 294 6.48 -10.67 -7.37
C GLY B 294 5.07 -11.06 -6.95
N TYR B 295 4.66 -10.58 -5.78
CA TYR B 295 3.35 -10.94 -5.24
C TYR B 295 2.84 -9.83 -4.34
N ASP B 296 1.52 -9.81 -4.15
CA ASP B 296 0.89 -8.80 -3.32
C ASP B 296 1.06 -9.08 -1.83
N ASP B 297 1.21 -10.35 -1.44
CA ASP B 297 1.21 -10.70 -0.03
C ASP B 297 2.55 -10.45 0.64
N PHE B 298 3.08 -9.23 0.50
CA PHE B 298 4.20 -8.74 1.28
C PHE B 298 5.47 -9.57 1.11
N ASN B 299 5.62 -10.29 0.01
CA ASN B 299 6.81 -11.09 -0.21
C ASN B 299 6.97 -11.35 -1.70
N CYS B 300 8.02 -12.10 -2.04
CA CYS B 300 8.31 -12.50 -3.41
C CYS B 300 8.56 -14.01 -3.44
N ASN B 301 8.36 -14.59 -4.62
CA ASN B 301 8.51 -16.03 -4.81
C ASN B 301 9.52 -16.31 -5.89
N VAL B 302 10.17 -17.47 -5.76
CA VAL B 302 11.20 -17.90 -6.71
C VAL B 302 10.82 -19.26 -7.27
N TRP B 303 10.22 -19.27 -8.45
CA TRP B 303 9.73 -20.51 -9.03
C TRP B 303 10.81 -21.18 -9.88
N ASP B 304 10.60 -22.47 -10.13
CA ASP B 304 11.45 -23.22 -11.05
C ASP B 304 10.67 -23.35 -12.35
N ALA B 305 11.27 -22.90 -13.45
CA ALA B 305 10.57 -22.82 -14.72
C ALA B 305 10.48 -24.17 -15.44
N LEU B 306 11.14 -25.21 -14.94
CA LEU B 306 11.12 -26.51 -15.59
C LEU B 306 10.39 -27.58 -14.79
N LYS B 307 9.95 -27.27 -13.57
CA LYS B 307 9.21 -28.24 -12.78
C LYS B 307 7.99 -27.66 -12.07
N ALA B 308 7.75 -26.35 -12.18
CA ALA B 308 6.62 -25.69 -11.53
C ALA B 308 6.60 -25.90 -10.02
N ASP B 309 7.78 -26.01 -9.40
CA ASP B 309 7.89 -26.24 -7.96
C ASP B 309 8.50 -25.01 -7.30
N ARG B 310 7.90 -24.59 -6.18
CA ARG B 310 8.43 -23.47 -5.43
C ARG B 310 9.81 -23.81 -4.88
N ALA B 311 10.73 -22.84 -4.97
CA ALA B 311 12.09 -23.04 -4.47
C ALA B 311 12.60 -21.69 -3.98
N GLY B 312 12.44 -21.44 -2.68
CA GLY B 312 12.93 -20.21 -2.07
C GLY B 312 11.90 -19.10 -2.05
N VAL B 313 11.91 -18.30 -0.99
CA VAL B 313 11.00 -17.17 -0.83
C VAL B 313 11.82 -15.95 -0.45
N LEU B 314 11.64 -14.86 -1.18
CA LEU B 314 12.35 -13.61 -0.91
C LEU B 314 11.54 -12.70 0.00
N ALA B 315 11.15 -13.21 1.16
CA ALA B 315 10.37 -12.43 2.10
C ALA B 315 11.25 -11.37 2.76
N GLY B 316 10.59 -10.37 3.35
CA GLY B 316 11.30 -9.30 4.02
C GLY B 316 10.87 -7.92 3.55
N HIS B 317 9.70 -7.84 2.93
CA HIS B 317 9.16 -6.58 2.45
C HIS B 317 7.80 -6.31 3.08
N ASP B 318 7.48 -5.03 3.22
CA ASP B 318 6.16 -4.59 3.66
C ASP B 318 5.39 -4.05 2.46
N ASN B 319 4.07 -4.02 2.60
CA ASN B 319 3.16 -3.53 1.55
C ASN B 319 3.31 -4.42 0.32
N ARG B 320 3.13 -3.86 -0.88
CA ARG B 320 3.07 -4.62 -2.11
C ARG B 320 4.41 -4.51 -2.86
N VAL B 321 4.94 -5.65 -3.28
CA VAL B 321 6.09 -5.66 -4.18
C VAL B 321 5.61 -5.31 -5.58
N SER B 322 6.08 -4.19 -6.12
CA SER B 322 5.58 -3.66 -7.38
C SER B 322 6.59 -3.70 -8.51
N CYS B 323 7.77 -4.29 -8.29
CA CYS B 323 8.79 -4.32 -9.33
C CYS B 323 9.72 -5.50 -9.08
N LEU B 324 10.44 -5.89 -10.14
CA LEU B 324 11.33 -7.04 -10.07
C LEU B 324 12.31 -6.95 -11.23
N GLY B 325 13.61 -6.95 -10.93
CA GLY B 325 14.62 -6.83 -11.96
C GLY B 325 15.88 -7.63 -11.69
N VAL B 326 16.26 -8.48 -12.64
CA VAL B 326 17.47 -9.29 -12.54
C VAL B 326 18.55 -8.67 -13.40
N THR B 327 19.76 -8.58 -12.86
CA THR B 327 20.87 -8.00 -13.59
C THR B 327 21.20 -8.83 -14.83
N ASP B 328 21.84 -8.18 -15.80
CA ASP B 328 22.18 -8.86 -17.04
C ASP B 328 23.13 -10.02 -16.81
N ASP B 329 24.12 -9.83 -15.93
CA ASP B 329 25.04 -10.91 -15.60
C ASP B 329 24.48 -11.88 -14.57
N GLY B 330 23.31 -11.59 -14.00
CA GLY B 330 22.65 -12.52 -13.10
C GLY B 330 23.23 -12.59 -11.71
N MET B 331 24.07 -11.63 -11.31
CA MET B 331 24.69 -11.70 -10.00
C MET B 331 23.66 -11.50 -8.88
N ALA B 332 22.71 -10.59 -9.07
CA ALA B 332 21.77 -10.25 -8.01
C ALA B 332 20.44 -9.82 -8.62
N VAL B 333 19.43 -9.71 -7.76
CA VAL B 333 18.09 -9.29 -8.14
C VAL B 333 17.61 -8.26 -7.13
N ALA B 334 16.90 -7.24 -7.61
CA ALA B 334 16.40 -6.17 -6.77
C ALA B 334 14.87 -6.21 -6.75
N THR B 335 14.31 -6.15 -5.54
CA THR B 335 12.86 -6.18 -5.34
C THR B 335 12.47 -4.93 -4.56
N GLY B 336 11.79 -4.00 -5.23
CA GLY B 336 11.32 -2.79 -4.58
C GLY B 336 9.83 -2.89 -4.30
N SER B 337 9.44 -2.50 -3.09
CA SER B 337 8.06 -2.56 -2.64
C SER B 337 7.56 -1.15 -2.34
N TRP B 338 6.35 -1.06 -1.80
CA TRP B 338 5.73 0.22 -1.53
C TRP B 338 6.26 0.90 -0.27
N ASP B 339 7.11 0.22 0.50
CA ASP B 339 7.70 0.81 1.71
C ASP B 339 8.90 1.68 1.42
N SER B 340 9.08 2.10 0.15
CA SER B 340 10.20 2.95 -0.26
C SER B 340 11.54 2.29 0.06
N PHE B 341 11.63 0.98 -0.14
CA PHE B 341 12.85 0.23 0.09
C PHE B 341 13.16 -0.65 -1.11
N LEU B 342 14.42 -0.63 -1.55
CA LEU B 342 14.92 -1.52 -2.58
C LEU B 342 15.95 -2.45 -1.94
N LYS B 343 15.74 -3.75 -2.11
CA LYS B 343 16.59 -4.76 -1.49
C LYS B 343 17.29 -5.57 -2.57
N ILE B 344 18.59 -5.77 -2.41
CA ILE B 344 19.40 -6.53 -3.35
C ILE B 344 19.54 -7.94 -2.81
N TRP B 345 19.13 -8.93 -3.60
CA TRP B 345 19.21 -10.33 -3.22
C TRP B 345 20.24 -11.04 -4.08
N ASN B 346 21.20 -11.69 -3.44
CA ASN B 346 22.26 -12.40 -4.16
C ASN B 346 21.86 -13.85 -4.40
N THR C 6 -21.51 0.78 -39.81
CA THR C 6 -20.25 0.92 -40.52
C THR C 6 -19.07 0.61 -39.62
N ALA C 7 -19.09 1.19 -38.42
CA ALA C 7 -18.02 0.95 -37.46
C ALA C 7 -17.95 -0.51 -37.03
N SER C 8 -19.12 -1.12 -36.79
CA SER C 8 -19.15 -2.53 -36.40
C SER C 8 -18.65 -3.41 -37.54
N ILE C 9 -19.05 -3.11 -38.78
CA ILE C 9 -18.59 -3.90 -39.92
C ILE C 9 -17.08 -3.77 -40.08
N ALA C 10 -16.56 -2.55 -39.93
CA ALA C 10 -15.11 -2.35 -40.04
C ALA C 10 -14.37 -3.10 -38.94
N GLN C 11 -14.89 -3.07 -37.71
CA GLN C 11 -14.25 -3.79 -36.61
C GLN C 11 -14.27 -5.30 -36.87
N ALA C 12 -15.39 -5.82 -37.37
CA ALA C 12 -15.47 -7.23 -37.70
C ALA C 12 -14.48 -7.61 -38.79
N ARG C 13 -14.35 -6.75 -39.81
CA ARG C 13 -13.38 -7.00 -40.88
C ARG C 13 -11.95 -7.02 -40.34
N LYS C 14 -11.62 -6.05 -39.47
CA LYS C 14 -10.30 -6.04 -38.87
C LYS C 14 -10.05 -7.31 -38.06
N LEU C 15 -11.04 -7.72 -37.26
CA LEU C 15 -10.89 -8.92 -36.45
C LEU C 15 -10.69 -10.16 -37.31
N VAL C 16 -11.49 -10.31 -38.36
CA VAL C 16 -11.39 -11.52 -39.18
C VAL C 16 -10.07 -11.54 -39.95
N GLU C 17 -9.62 -10.39 -40.47
CA GLU C 17 -8.36 -10.39 -41.20
C GLU C 17 -7.18 -10.65 -40.26
N GLN C 18 -7.22 -10.09 -39.04
CA GLN C 18 -6.16 -10.36 -38.08
C GLN C 18 -6.14 -11.83 -37.69
N LEU C 19 -7.31 -12.42 -37.47
CA LEU C 19 -7.37 -13.82 -37.06
C LEU C 19 -6.97 -14.75 -38.20
N LYS C 20 -7.23 -14.35 -39.45
CA LYS C 20 -6.81 -15.17 -40.58
C LYS C 20 -5.32 -15.03 -40.86
N MET C 21 -4.74 -13.85 -40.56
CA MET C 21 -3.28 -13.75 -40.51
C MET C 21 -2.70 -14.66 -39.44
N GLU C 22 -3.32 -14.69 -38.26
CA GLU C 22 -2.83 -15.54 -37.18
C GLU C 22 -2.96 -17.02 -37.53
N ALA C 23 -3.99 -17.39 -38.29
CA ALA C 23 -4.17 -18.78 -38.67
C ALA C 23 -3.06 -19.26 -39.61
N ASN C 24 -2.63 -18.39 -40.52
CA ASN C 24 -1.59 -18.75 -41.49
C ASN C 24 -0.20 -18.55 -40.89
N ILE C 25 0.06 -19.30 -39.82
CA ILE C 25 1.34 -19.26 -39.13
C ILE C 25 1.84 -20.70 -38.99
N ASP C 26 3.10 -20.92 -39.35
CA ASP C 26 3.68 -22.26 -39.28
C ASP C 26 3.78 -22.71 -37.83
N ARG C 27 3.14 -23.82 -37.52
CA ARG C 27 3.16 -24.36 -36.16
C ARG C 27 4.31 -25.35 -36.01
N ILE C 28 4.78 -25.49 -34.77
CA ILE C 28 5.88 -26.37 -34.44
C ILE C 28 5.46 -27.28 -33.30
N LYS C 29 5.86 -28.54 -33.36
CA LYS C 29 5.56 -29.48 -32.28
C LYS C 29 6.09 -28.96 -30.96
N VAL C 30 5.23 -28.99 -29.93
CA VAL C 30 5.57 -28.36 -28.67
C VAL C 30 6.60 -29.16 -27.89
N SER C 31 6.71 -30.47 -28.14
CA SER C 31 7.76 -31.25 -27.49
C SER C 31 9.15 -30.83 -27.99
N LYS C 32 9.26 -30.43 -29.26
CA LYS C 32 10.51 -29.87 -29.74
C LYS C 32 10.85 -28.57 -29.02
N ALA C 33 9.85 -27.73 -28.76
CA ALA C 33 10.07 -26.52 -27.99
C ALA C 33 10.50 -26.85 -26.56
N ALA C 34 9.89 -27.87 -25.97
CA ALA C 34 10.29 -28.30 -24.63
C ALA C 34 11.74 -28.78 -24.62
N ALA C 35 12.14 -29.54 -25.64
CA ALA C 35 13.52 -29.99 -25.74
C ALA C 35 14.47 -28.83 -25.90
N ASP C 36 14.09 -27.83 -26.70
CA ASP C 36 14.93 -26.65 -26.86
C ASP C 36 15.08 -25.89 -25.55
N LEU C 37 13.97 -25.73 -24.81
CA LEU C 37 14.03 -25.07 -23.52
C LEU C 37 14.92 -25.82 -22.56
N MET C 38 14.80 -27.15 -22.52
CA MET C 38 15.65 -27.96 -21.65
C MET C 38 17.11 -27.81 -22.02
N ALA C 39 17.42 -27.84 -23.33
CA ALA C 39 18.80 -27.73 -23.78
C ALA C 39 19.39 -26.37 -23.40
N TYR C 40 18.65 -25.29 -23.65
CA TYR C 40 19.16 -23.97 -23.31
C TYR C 40 19.28 -23.79 -21.80
N CYS C 41 18.40 -24.41 -21.03
CA CYS C 41 18.45 -24.25 -19.58
C CYS C 41 19.62 -25.03 -18.98
N GLU C 42 19.90 -26.23 -19.51
CA GLU C 42 21.02 -27.02 -19.01
C GLU C 42 22.36 -26.50 -19.52
N ALA C 43 22.38 -25.85 -20.68
CA ALA C 43 23.64 -25.39 -21.26
C ALA C 43 24.19 -24.14 -20.60
N HIS C 44 23.39 -23.46 -19.76
CA HIS C 44 23.84 -22.23 -19.11
C HIS C 44 23.73 -22.31 -17.59
N ALA C 45 23.70 -23.52 -17.03
CA ALA C 45 23.63 -23.65 -15.57
C ALA C 45 24.91 -23.19 -14.90
N LYS C 46 26.07 -23.45 -15.53
CA LYS C 46 27.34 -23.09 -14.92
C LYS C 46 27.50 -21.58 -14.79
N GLU C 47 27.06 -20.83 -15.81
CA GLU C 47 27.24 -19.39 -15.83
C GLU C 47 26.22 -18.64 -14.99
N ASP C 48 25.23 -19.32 -14.44
CA ASP C 48 24.21 -18.66 -13.63
C ASP C 48 24.73 -18.47 -12.20
N PRO C 49 24.84 -17.24 -11.71
CA PRO C 49 25.30 -17.03 -10.33
C PRO C 49 24.23 -17.37 -9.31
N LEU C 50 22.96 -17.20 -9.69
CA LEU C 50 21.87 -17.43 -8.75
C LEU C 50 21.63 -18.92 -8.51
N LEU C 51 21.69 -19.74 -9.56
CA LEU C 51 21.45 -21.17 -9.40
C LEU C 51 22.54 -21.83 -8.58
N THR C 52 23.78 -21.80 -9.08
CA THR C 52 24.91 -22.34 -8.34
C THR C 52 25.53 -21.24 -7.49
N PRO C 53 25.62 -21.41 -6.18
CA PRO C 53 26.18 -20.34 -5.33
C PRO C 53 27.60 -19.98 -5.74
N VAL C 54 27.89 -18.69 -5.71
CA VAL C 54 29.17 -18.17 -6.17
C VAL C 54 30.05 -17.86 -4.96
N PRO C 55 31.35 -18.12 -5.02
CA PRO C 55 32.23 -17.72 -3.92
C PRO C 55 32.22 -16.21 -3.72
N ALA C 56 32.42 -15.80 -2.46
CA ALA C 56 32.32 -14.39 -2.10
C ALA C 56 33.35 -13.52 -2.82
N SER C 57 34.45 -14.12 -3.30
CA SER C 57 35.46 -13.34 -4.00
C SER C 57 34.91 -12.75 -5.29
N GLU C 58 34.16 -13.55 -6.06
CA GLU C 58 33.60 -13.07 -7.31
C GLU C 58 32.39 -12.17 -7.08
N ASN C 59 31.58 -12.48 -6.08
CA ASN C 59 30.37 -11.69 -5.80
C ASN C 59 30.76 -10.36 -5.19
N PRO C 60 30.37 -9.23 -5.79
CA PRO C 60 30.71 -7.92 -5.23
C PRO C 60 29.68 -7.37 -4.25
N PHE C 61 28.64 -8.13 -3.92
CA PHE C 61 27.61 -7.71 -2.99
C PHE C 61 27.88 -8.16 -1.56
N ARG C 62 28.99 -8.83 -1.31
CA ARG C 62 29.31 -9.31 0.04
C ARG C 62 30.81 -9.27 0.29
N GLN D 24 -9.46 -19.69 -23.57
CA GLN D 24 -9.88 -18.29 -23.41
C GLN D 24 -11.13 -18.19 -22.56
N VAL D 25 -11.37 -17.01 -22.00
CA VAL D 25 -12.56 -16.75 -21.20
C VAL D 25 -13.71 -16.37 -22.13
N GLN D 26 -14.77 -17.17 -22.12
CA GLN D 26 -15.92 -16.95 -22.98
C GLN D 26 -17.18 -16.89 -22.14
N LEU D 27 -18.01 -15.88 -22.39
CA LEU D 27 -19.26 -15.67 -21.68
C LEU D 27 -20.38 -15.60 -22.70
N GLN D 28 -21.11 -16.69 -22.87
CA GLN D 28 -22.19 -16.78 -23.84
C GLN D 28 -23.53 -16.76 -23.12
N GLU D 29 -24.44 -15.91 -23.57
CA GLU D 29 -25.77 -15.79 -23.00
C GLU D 29 -26.78 -16.58 -23.83
N SER D 30 -27.77 -17.14 -23.15
CA SER D 30 -28.79 -17.97 -23.78
C SER D 30 -30.17 -17.44 -23.44
N GLY D 31 -31.10 -17.61 -24.37
CA GLY D 31 -32.46 -17.16 -24.20
C GLY D 31 -32.66 -15.71 -24.62
N GLY D 32 -33.93 -15.31 -24.64
CA GLY D 32 -34.27 -13.95 -25.01
C GLY D 32 -35.06 -13.86 -26.30
N GLY D 33 -36.36 -13.54 -26.19
CA GLY D 33 -37.21 -13.40 -27.34
C GLY D 33 -38.22 -12.29 -27.15
N LEU D 34 -39.00 -12.04 -28.19
CA LEU D 34 -40.03 -11.00 -28.15
C LEU D 34 -41.18 -11.49 -27.27
N VAL D 35 -41.36 -10.84 -26.12
CA VAL D 35 -42.41 -11.18 -25.17
C VAL D 35 -43.22 -9.92 -24.87
N GLN D 36 -44.54 -10.05 -24.93
CA GLN D 36 -45.41 -8.95 -24.55
C GLN D 36 -45.34 -8.72 -23.04
N PRO D 37 -45.77 -7.53 -22.56
CA PRO D 37 -45.75 -7.26 -21.12
C PRO D 37 -46.29 -8.42 -20.29
N GLY D 38 -45.58 -8.76 -19.23
CA GLY D 38 -45.83 -9.99 -18.51
C GLY D 38 -45.01 -11.13 -19.05
N GLY D 39 -45.28 -12.33 -18.54
CA GLY D 39 -44.56 -13.52 -18.95
C GLY D 39 -43.23 -13.65 -18.24
N SER D 40 -42.54 -14.75 -18.53
CA SER D 40 -41.27 -15.07 -17.89
C SER D 40 -40.22 -15.41 -18.94
N LEU D 41 -39.01 -14.93 -18.70
CA LEU D 41 -37.86 -15.22 -19.55
C LEU D 41 -36.70 -15.68 -18.68
N ARG D 42 -35.96 -16.68 -19.15
CA ARG D 42 -34.85 -17.26 -18.41
C ARG D 42 -33.58 -17.04 -19.23
N LEU D 43 -32.74 -16.10 -18.77
CA LEU D 43 -31.47 -15.81 -19.42
C LEU D 43 -30.38 -16.65 -18.79
N SER D 44 -29.76 -17.52 -19.59
CA SER D 44 -28.73 -18.44 -19.13
C SER D 44 -27.37 -17.97 -19.62
N CYS D 45 -26.41 -17.89 -18.70
CA CYS D 45 -25.05 -17.48 -19.02
C CYS D 45 -24.15 -18.71 -19.06
N ALA D 46 -23.42 -18.87 -20.16
CA ALA D 46 -22.46 -19.96 -20.31
C ALA D 46 -21.07 -19.41 -20.04
N ALA D 47 -20.38 -19.99 -19.04
CA ALA D 47 -19.06 -19.55 -18.64
C ALA D 47 -18.06 -20.66 -18.85
N SER D 48 -16.91 -20.31 -19.43
CA SER D 48 -15.85 -21.29 -19.69
C SER D 48 -14.51 -20.58 -19.67
N GLY D 49 -13.46 -21.36 -19.43
CA GLY D 49 -12.10 -20.84 -19.41
C GLY D 49 -11.63 -20.32 -18.07
N PHE D 50 -12.45 -20.38 -17.03
CA PHE D 50 -12.06 -19.89 -15.72
C PHE D 50 -12.87 -20.62 -14.65
N THR D 51 -12.40 -20.51 -13.41
CA THR D 51 -13.11 -21.10 -12.28
C THR D 51 -14.34 -20.26 -11.95
N PHE D 52 -15.53 -20.87 -12.09
CA PHE D 52 -16.77 -20.13 -11.91
C PHE D 52 -16.94 -19.67 -10.47
N SER D 53 -16.58 -20.51 -9.49
CA SER D 53 -16.92 -20.23 -8.10
C SER D 53 -16.16 -19.01 -7.57
N ASN D 54 -14.89 -18.86 -7.94
CA ASN D 54 -14.05 -17.83 -7.32
C ASN D 54 -14.54 -16.42 -7.66
N TYR D 55 -14.98 -16.20 -8.89
CA TYR D 55 -15.26 -14.86 -9.37
C TYR D 55 -16.69 -14.45 -9.08
N LYS D 56 -16.87 -13.16 -8.80
CA LYS D 56 -18.18 -12.56 -8.62
C LYS D 56 -18.70 -12.05 -9.96
N MET D 57 -19.96 -12.33 -10.25
CA MET D 57 -20.57 -12.01 -11.54
C MET D 57 -21.74 -11.06 -11.34
N ASN D 58 -22.19 -10.48 -12.44
CA ASN D 58 -23.31 -9.54 -12.42
C ASN D 58 -23.88 -9.41 -13.83
N TRP D 59 -25.05 -8.76 -13.91
CA TRP D 59 -25.74 -8.52 -15.17
C TRP D 59 -25.77 -7.02 -15.45
N VAL D 60 -25.59 -6.65 -16.71
CA VAL D 60 -25.61 -5.26 -17.14
C VAL D 60 -26.50 -5.13 -18.38
N ARG D 61 -27.21 -4.02 -18.47
CA ARG D 61 -28.16 -3.76 -19.53
C ARG D 61 -27.63 -2.67 -20.46
N GLN D 62 -28.26 -2.59 -21.65
CA GLN D 62 -27.90 -1.56 -22.63
C GLN D 62 -29.18 -1.20 -23.39
N ALA D 63 -29.86 -0.16 -22.92
CA ALA D 63 -31.08 0.29 -23.56
C ALA D 63 -30.76 1.05 -24.85
N PRO D 64 -31.63 0.98 -25.84
CA PRO D 64 -31.39 1.74 -27.08
C PRO D 64 -31.46 3.24 -26.81
N GLY D 65 -30.45 3.96 -27.31
CA GLY D 65 -30.36 5.39 -27.12
C GLY D 65 -29.83 5.84 -25.77
N LYS D 66 -29.44 4.90 -24.91
CA LYS D 66 -28.92 5.24 -23.59
C LYS D 66 -27.59 4.54 -23.33
N GLY D 67 -27.03 4.74 -22.14
CA GLY D 67 -25.79 4.12 -21.76
C GLY D 67 -25.98 2.80 -21.04
N LEU D 68 -24.92 2.32 -20.41
CA LEU D 68 -24.94 1.07 -19.68
C LEU D 68 -25.45 1.27 -18.26
N GLU D 69 -26.07 0.23 -17.72
CA GLU D 69 -26.57 0.24 -16.35
C GLU D 69 -26.32 -1.13 -15.72
N TRP D 70 -26.41 -1.19 -14.40
CA TRP D 70 -26.19 -2.40 -13.64
C TRP D 70 -27.53 -2.94 -13.14
N VAL D 71 -27.73 -4.25 -13.26
CA VAL D 71 -29.01 -4.86 -12.92
C VAL D 71 -28.93 -5.56 -11.58
N SER D 72 -28.10 -6.59 -11.48
CA SER D 72 -27.99 -7.37 -10.25
C SER D 72 -26.64 -8.06 -10.21
N ASP D 73 -26.26 -8.49 -9.01
CA ASP D 73 -24.99 -9.17 -8.81
C ASP D 73 -25.13 -10.18 -7.69
N ILE D 74 -24.32 -11.24 -7.75
CA ILE D 74 -24.26 -12.26 -6.73
C ILE D 74 -22.81 -12.58 -6.43
N SER D 75 -22.51 -12.85 -5.16
CA SER D 75 -21.15 -13.13 -4.73
C SER D 75 -20.81 -14.59 -5.02
N GLN D 76 -19.69 -15.06 -4.46
CA GLN D 76 -19.23 -16.43 -4.73
C GLN D 76 -20.23 -17.45 -4.24
N SER D 77 -20.67 -17.34 -2.99
CA SER D 77 -21.58 -18.32 -2.43
C SER D 77 -22.98 -18.18 -3.00
N GLY D 78 -23.41 -16.95 -3.27
CA GLY D 78 -24.76 -16.69 -3.75
C GLY D 78 -25.72 -16.19 -2.69
N ALA D 79 -25.24 -15.95 -1.47
CA ALA D 79 -26.07 -15.45 -0.38
C ALA D 79 -25.93 -13.95 -0.17
N SER D 80 -25.25 -13.26 -1.07
CA SER D 80 -25.06 -11.81 -0.97
C SER D 80 -25.69 -11.11 -2.16
N ILE D 81 -26.91 -11.53 -2.51
CA ILE D 81 -27.59 -10.98 -3.68
C ILE D 81 -27.98 -9.53 -3.44
N SER D 82 -27.84 -8.71 -4.48
CA SER D 82 -28.28 -7.32 -4.44
C SER D 82 -28.87 -6.96 -5.80
N TYR D 83 -29.74 -5.96 -5.80
CA TYR D 83 -30.49 -5.60 -6.99
C TYR D 83 -30.42 -4.09 -7.20
N THR D 84 -30.69 -3.68 -8.44
CA THR D 84 -30.73 -2.27 -8.78
C THR D 84 -32.05 -1.64 -8.33
N GLY D 85 -32.10 -0.31 -8.39
CA GLY D 85 -33.30 0.39 -7.98
C GLY D 85 -34.47 0.16 -8.92
N SER D 86 -34.20 0.05 -10.22
CA SER D 86 -35.27 -0.03 -11.21
C SER D 86 -36.13 -1.26 -11.00
N VAL D 87 -35.52 -2.41 -10.77
CA VAL D 87 -36.22 -3.67 -10.56
C VAL D 87 -35.83 -4.23 -9.21
N LYS D 88 -36.84 -4.58 -8.41
CA LYS D 88 -36.62 -5.13 -7.07
C LYS D 88 -37.16 -6.53 -6.91
N GLY D 89 -38.41 -6.77 -7.32
CA GLY D 89 -39.00 -8.09 -7.21
C GLY D 89 -39.31 -8.73 -8.54
N ARG D 90 -39.07 -7.99 -9.63
CA ARG D 90 -39.38 -8.50 -10.95
C ARG D 90 -38.33 -9.45 -11.49
N PHE D 91 -37.14 -9.49 -10.90
CA PHE D 91 -36.05 -10.33 -11.37
C PHE D 91 -35.67 -11.33 -10.28
N THR D 92 -34.92 -12.36 -10.70
CA THR D 92 -34.44 -13.38 -9.76
C THR D 92 -33.14 -13.93 -10.34
N ILE D 93 -32.02 -13.52 -9.75
CA ILE D 93 -30.69 -13.90 -10.21
C ILE D 93 -30.15 -15.00 -9.31
N SER D 94 -29.59 -16.05 -9.92
CA SER D 94 -29.02 -17.16 -9.19
C SER D 94 -27.93 -17.80 -10.04
N ARG D 95 -27.08 -18.58 -9.39
CA ARG D 95 -25.95 -19.23 -10.05
C ARG D 95 -25.94 -20.71 -9.75
N ASP D 96 -25.37 -21.48 -10.67
CA ASP D 96 -25.15 -22.91 -10.52
C ASP D 96 -23.65 -23.13 -10.73
N ASN D 97 -22.89 -23.10 -9.64
CA ASN D 97 -21.44 -23.18 -9.73
C ASN D 97 -20.96 -24.51 -10.28
N ALA D 98 -21.75 -25.58 -10.13
CA ALA D 98 -21.35 -26.88 -10.64
C ALA D 98 -21.33 -26.90 -12.17
N LYS D 99 -22.38 -26.39 -12.79
CA LYS D 99 -22.50 -26.39 -14.24
C LYS D 99 -21.98 -25.12 -14.89
N ASN D 100 -21.42 -24.19 -14.11
CA ASN D 100 -20.87 -22.93 -14.62
C ASN D 100 -21.93 -22.16 -15.41
N THR D 101 -23.02 -21.83 -14.74
CA THR D 101 -24.11 -21.11 -15.35
C THR D 101 -24.61 -20.01 -14.42
N LEU D 102 -25.05 -18.90 -15.02
CA LEU D 102 -25.63 -17.79 -14.29
C LEU D 102 -26.99 -17.48 -14.91
N TYR D 103 -28.00 -17.35 -14.05
CA TYR D 103 -29.38 -17.16 -14.49
C TYR D 103 -29.93 -15.86 -13.94
N LEU D 104 -30.91 -15.30 -14.66
CA LEU D 104 -31.67 -14.12 -14.20
C LEU D 104 -33.13 -14.41 -14.53
N GLN D 105 -33.84 -15.00 -13.58
CA GLN D 105 -35.26 -15.32 -13.78
C GLN D 105 -36.06 -14.03 -13.69
N MET D 106 -36.63 -13.61 -14.83
CA MET D 106 -37.35 -12.35 -14.92
C MET D 106 -38.83 -12.62 -15.20
N ASN D 107 -39.68 -11.81 -14.59
CA ASN D 107 -41.12 -11.90 -14.79
C ASN D 107 -41.73 -10.54 -14.50
N SER D 108 -43.00 -10.38 -14.94
CA SER D 108 -43.70 -9.09 -14.85
C SER D 108 -42.90 -8.00 -15.55
N LEU D 109 -42.60 -8.23 -16.83
CA LEU D 109 -41.77 -7.33 -17.60
C LEU D 109 -42.48 -6.01 -17.86
N LYS D 110 -41.68 -5.01 -18.23
CA LYS D 110 -42.15 -3.67 -18.56
C LYS D 110 -41.55 -3.25 -19.89
N PRO D 111 -42.20 -2.32 -20.61
CA PRO D 111 -41.64 -1.87 -21.89
C PRO D 111 -40.29 -1.20 -21.76
N GLU D 112 -39.92 -0.72 -20.58
CA GLU D 112 -38.60 -0.10 -20.41
C GLU D 112 -37.47 -1.12 -20.44
N ASP D 113 -37.76 -2.40 -20.24
CA ASP D 113 -36.74 -3.44 -20.25
C ASP D 113 -36.56 -4.03 -21.64
N THR D 114 -36.22 -3.18 -22.61
CA THR D 114 -35.98 -3.59 -23.99
C THR D 114 -34.50 -3.46 -24.34
N ALA D 115 -33.64 -3.83 -23.40
CA ALA D 115 -32.20 -3.63 -23.51
C ALA D 115 -31.50 -4.93 -23.94
N VAL D 116 -30.18 -4.87 -23.96
CA VAL D 116 -29.34 -6.04 -24.25
C VAL D 116 -28.63 -6.42 -22.95
N TYR D 117 -28.73 -7.69 -22.58
CA TYR D 117 -28.21 -8.17 -21.31
C TYR D 117 -26.87 -8.85 -21.52
N TYR D 118 -25.84 -8.33 -20.87
CA TYR D 118 -24.51 -8.91 -20.89
C TYR D 118 -24.22 -9.58 -19.54
N CYS D 119 -23.57 -10.74 -19.59
CA CYS D 119 -23.24 -11.49 -18.39
C CYS D 119 -21.80 -11.14 -18.00
N ALA D 120 -21.66 -9.98 -17.34
CA ALA D 120 -20.36 -9.47 -16.99
C ALA D 120 -19.80 -10.17 -15.75
N ARG D 121 -18.47 -10.11 -15.61
CA ARG D 121 -17.79 -10.74 -14.49
C ARG D 121 -16.72 -9.79 -13.95
N CYS D 122 -16.65 -9.70 -12.63
CA CYS D 122 -15.62 -8.88 -11.99
C CYS D 122 -14.25 -9.48 -12.25
N PRO D 123 -13.24 -8.65 -12.53
CA PRO D 123 -11.94 -9.18 -12.98
C PRO D 123 -11.18 -9.99 -11.93
N ALA D 124 -10.99 -9.40 -10.75
CA ALA D 124 -10.12 -10.01 -9.75
C ALA D 124 -10.84 -11.13 -9.02
N PRO D 125 -10.25 -12.31 -8.92
CA PRO D 125 -10.84 -13.36 -8.08
C PRO D 125 -10.68 -13.03 -6.60
N PHE D 126 -11.60 -13.57 -5.80
CA PHE D 126 -11.57 -13.44 -4.34
C PHE D 126 -11.54 -11.97 -3.91
N THR D 127 -12.54 -11.22 -4.36
CA THR D 127 -12.69 -9.82 -3.96
C THR D 127 -14.15 -9.42 -4.11
N ARG D 128 -14.49 -8.29 -3.48
CA ARG D 128 -15.86 -7.78 -3.50
C ARG D 128 -15.96 -6.42 -4.18
N ASP D 129 -14.94 -6.05 -4.96
CA ASP D 129 -14.94 -4.79 -5.70
C ASP D 129 -14.57 -5.06 -7.15
N CYS D 130 -15.28 -4.41 -8.07
CA CYS D 130 -14.99 -4.57 -9.49
C CYS D 130 -15.61 -3.41 -10.26
N PHE D 131 -14.93 -2.98 -11.32
CA PHE D 131 -15.34 -1.84 -12.13
C PHE D 131 -15.70 -2.37 -13.53
N ASP D 132 -16.95 -2.78 -13.67
CA ASP D 132 -17.41 -3.49 -14.87
C ASP D 132 -18.69 -2.89 -15.42
N VAL D 133 -18.71 -1.56 -15.56
CA VAL D 133 -19.83 -0.87 -16.18
C VAL D 133 -19.27 0.07 -17.24
N THR D 134 -18.00 -0.13 -17.58
CA THR D 134 -17.31 0.76 -18.50
C THR D 134 -17.97 0.77 -19.88
N SER D 135 -18.11 1.97 -20.45
CA SER D 135 -18.68 2.11 -21.78
C SER D 135 -17.79 1.46 -22.83
N THR D 136 -16.47 1.61 -22.68
CA THR D 136 -15.52 0.98 -23.59
C THR D 136 -15.67 -0.55 -23.48
N THR D 137 -15.09 -1.26 -24.45
CA THR D 137 -15.31 -2.69 -24.57
C THR D 137 -14.65 -3.40 -23.40
N TYR D 138 -15.43 -3.65 -22.35
CA TYR D 138 -14.96 -4.44 -21.22
C TYR D 138 -14.60 -5.84 -21.70
N ALA D 139 -13.43 -6.32 -21.28
CA ALA D 139 -12.90 -7.57 -21.81
C ALA D 139 -13.77 -8.75 -21.42
N TYR D 140 -14.21 -8.80 -20.16
CA TYR D 140 -14.78 -10.03 -19.60
C TYR D 140 -16.31 -9.96 -19.60
N ARG D 141 -16.89 -9.90 -20.81
CA ARG D 141 -18.33 -9.91 -20.96
C ARG D 141 -18.69 -10.25 -22.41
N GLY D 142 -19.84 -10.90 -22.57
CA GLY D 142 -20.26 -11.38 -23.87
C GLY D 142 -20.91 -10.31 -24.72
N GLN D 143 -21.29 -10.73 -25.93
CA GLN D 143 -21.93 -9.81 -26.87
C GLN D 143 -23.33 -9.43 -26.43
N GLY D 144 -24.00 -10.30 -25.68
CA GLY D 144 -25.32 -9.99 -25.17
C GLY D 144 -26.43 -10.52 -26.04
N THR D 145 -27.58 -10.76 -25.43
CA THR D 145 -28.77 -11.23 -26.13
C THR D 145 -29.86 -10.18 -26.05
N GLN D 146 -30.57 -9.97 -27.16
CA GLN D 146 -31.61 -8.96 -27.25
C GLN D 146 -32.92 -9.49 -26.68
N VAL D 147 -33.54 -8.71 -25.81
CA VAL D 147 -34.89 -8.97 -25.32
C VAL D 147 -35.76 -7.76 -25.66
N THR D 148 -36.88 -8.02 -26.32
CA THR D 148 -37.78 -6.96 -26.78
C THR D 148 -39.14 -7.15 -26.12
N VAL D 149 -39.67 -6.06 -25.56
CA VAL D 149 -40.99 -6.10 -24.93
C VAL D 149 -41.98 -5.25 -25.71
N GLY E 238 13.19 -10.98 56.63
CA GLY E 238 12.38 -11.91 55.87
C GLY E 238 12.83 -12.08 54.44
N PHE E 239 14.03 -11.56 54.15
CA PHE E 239 14.61 -11.63 52.81
C PHE E 239 13.68 -11.03 51.75
N VAL E 240 13.06 -9.90 52.11
CA VAL E 240 12.19 -9.20 51.16
C VAL E 240 12.95 -8.75 49.91
N PRO E 241 14.13 -8.14 50.01
CA PRO E 241 14.89 -7.86 48.77
C PRO E 241 15.19 -9.11 47.97
N VAL E 242 15.52 -10.21 48.65
CA VAL E 242 15.84 -11.45 47.94
C VAL E 242 14.64 -11.95 47.15
N VAL E 243 13.45 -11.90 47.76
CA VAL E 243 12.27 -12.42 47.09
C VAL E 243 11.70 -11.43 46.07
N TYR E 244 12.05 -10.15 46.16
CA TYR E 244 11.45 -9.14 45.30
C TYR E 244 12.32 -8.77 44.10
N TYR E 245 13.61 -8.50 44.33
CA TYR E 245 14.45 -7.98 43.25
C TYR E 245 14.77 -9.05 42.20
N SER E 246 14.94 -10.30 42.61
CA SER E 246 15.16 -11.37 41.64
C SER E 246 13.96 -11.52 40.73
N LEU E 247 12.75 -11.49 41.30
CA LEU E 247 11.55 -11.53 40.49
C LEU E 247 11.43 -10.31 39.58
N LEU E 248 11.80 -9.14 40.10
CA LEU E 248 11.76 -7.93 39.29
C LEU E 248 12.67 -8.05 38.08
N LEU E 249 13.89 -8.57 38.29
CA LEU E 249 14.79 -8.80 37.17
C LEU E 249 14.21 -9.80 36.18
N CYS E 250 13.80 -10.96 36.69
CA CYS E 250 13.29 -12.03 35.82
C CYS E 250 12.02 -11.61 35.08
N LEU E 251 11.33 -10.57 35.55
CA LEU E 251 10.14 -10.08 34.86
C LEU E 251 10.49 -8.97 33.86
N GLY E 252 11.33 -8.02 34.27
CA GLY E 252 11.56 -6.86 33.43
C GLY E 252 12.64 -7.08 32.38
N LEU E 253 13.79 -7.63 32.79
CA LEU E 253 14.93 -7.70 31.87
C LEU E 253 14.65 -8.52 30.62
N PRO E 254 14.13 -9.75 30.69
CA PRO E 254 13.88 -10.49 29.43
C PRO E 254 12.83 -9.84 28.56
N ALA E 255 11.77 -9.29 29.14
CA ALA E 255 10.73 -8.63 28.35
C ALA E 255 11.28 -7.40 27.64
N ASN E 256 12.10 -6.60 28.33
CA ASN E 256 12.68 -5.44 27.70
C ASN E 256 13.71 -5.81 26.64
N ILE E 257 14.47 -6.90 26.87
CA ILE E 257 15.37 -7.38 25.82
C ILE E 257 14.58 -7.80 24.59
N LEU E 258 13.46 -8.50 24.81
CA LEU E 258 12.61 -8.91 23.71
C LEU E 258 12.07 -7.71 22.94
N THR E 259 11.57 -6.70 23.65
CA THR E 259 11.04 -5.54 22.94
C THR E 259 12.15 -4.77 22.23
N VAL E 260 13.37 -4.76 22.78
CA VAL E 260 14.49 -4.14 22.10
C VAL E 260 14.77 -4.85 20.78
N ILE E 261 14.85 -6.18 20.81
CA ILE E 261 15.17 -6.91 19.58
C ILE E 261 14.03 -6.80 18.56
N ILE E 262 12.78 -6.73 19.03
CA ILE E 262 11.66 -6.57 18.09
C ILE E 262 11.68 -5.19 17.46
N LEU E 263 11.86 -4.14 18.27
CA LEU E 263 11.78 -2.77 17.75
C LEU E 263 12.99 -2.44 16.89
N SER E 264 14.14 -3.04 17.17
CA SER E 264 15.35 -2.71 16.41
C SER E 264 15.21 -3.10 14.94
N GLN E 265 14.63 -4.26 14.66
CA GLN E 265 14.56 -4.79 13.31
C GLN E 265 13.28 -4.41 12.57
N LEU E 266 12.42 -3.59 13.17
CA LEU E 266 11.18 -3.19 12.51
C LEU E 266 11.48 -2.30 11.32
N VAL E 267 10.86 -2.61 10.18
CA VAL E 267 11.06 -1.81 8.98
C VAL E 267 10.41 -0.44 9.12
N ALA E 268 9.23 -0.39 9.75
CA ALA E 268 8.51 0.86 9.95
C ALA E 268 9.07 1.70 11.08
N ARG E 269 10.16 1.27 11.71
CA ARG E 269 10.75 2.03 12.80
C ARG E 269 11.23 3.40 12.32
N ARG E 270 11.85 3.46 11.15
CA ARG E 270 12.34 4.72 10.61
C ARG E 270 11.23 5.57 9.99
N GLN E 271 10.09 4.96 9.66
CA GLN E 271 9.01 5.70 9.03
C GLN E 271 8.27 6.59 10.03
N LYS E 272 8.04 6.09 11.24
CA LYS E 272 7.26 6.78 12.25
C LYS E 272 8.07 6.87 13.54
N SER E 273 7.74 7.88 14.36
CA SER E 273 8.65 8.36 15.38
C SER E 273 8.47 7.72 16.75
N VAL E 274 7.26 7.25 17.08
CA VAL E 274 7.00 6.79 18.45
C VAL E 274 7.81 5.53 18.78
N TYR E 275 8.11 4.71 17.77
CA TYR E 275 8.88 3.49 18.03
C TYR E 275 10.30 3.79 18.45
N ASN E 276 10.88 4.89 17.95
CA ASN E 276 12.22 5.27 18.39
C ASN E 276 12.24 5.61 19.88
N TYR E 277 11.25 6.39 20.33
CA TYR E 277 11.15 6.71 21.76
C TYR E 277 10.88 5.45 22.57
N LEU E 278 10.06 4.54 22.05
CA LEU E 278 9.79 3.29 22.75
C LEU E 278 11.05 2.46 22.90
N LEU E 279 11.86 2.38 21.85
CA LEU E 279 13.13 1.66 21.92
C LEU E 279 14.09 2.33 22.91
N ALA E 280 14.10 3.67 22.93
CA ALA E 280 14.92 4.38 23.90
C ALA E 280 14.49 4.07 25.32
N LEU E 281 13.18 4.05 25.56
CA LEU E 281 12.68 3.73 26.88
C LEU E 281 12.99 2.29 27.27
N ALA E 282 12.94 1.37 26.30
CA ALA E 282 13.32 -0.02 26.57
C ALA E 282 14.79 -0.12 26.94
N ALA E 283 15.66 0.59 26.21
CA ALA E 283 17.08 0.58 26.54
C ALA E 283 17.35 1.22 27.89
N ALA E 284 16.65 2.31 28.19
CA ALA E 284 16.78 2.94 29.50
C ALA E 284 16.34 1.99 30.60
N ASP E 285 15.30 1.20 30.34
CA ASP E 285 14.90 0.15 31.28
C ASP E 285 16.01 -0.87 31.44
N ILE E 286 16.65 -1.27 30.34
CA ILE E 286 17.76 -2.21 30.43
C ILE E 286 18.83 -1.68 31.37
N LEU E 287 19.26 -0.44 31.15
CA LEU E 287 20.30 0.13 32.01
C LEU E 287 19.81 0.24 33.46
N VAL E 288 18.60 0.76 33.67
CA VAL E 288 18.12 0.98 35.03
C VAL E 288 18.06 -0.35 35.79
N LEU E 289 17.26 -1.29 35.29
CA LEU E 289 17.13 -2.58 35.98
C LEU E 289 18.49 -3.26 36.14
N PHE E 290 19.25 -3.42 35.03
CA PHE E 290 20.54 -4.08 35.14
C PHE E 290 21.42 -3.41 36.18
N PHE E 291 21.92 -2.21 35.89
CA PHE E 291 22.85 -1.55 36.81
C PHE E 291 22.30 -1.52 38.23
N ILE E 292 21.16 -0.84 38.45
CA ILE E 292 20.68 -0.67 39.82
C ILE E 292 20.43 -2.03 40.46
N VAL E 293 19.42 -2.76 39.98
CA VAL E 293 18.93 -3.92 40.69
C VAL E 293 20.02 -4.98 40.82
N PHE E 294 20.70 -5.32 39.72
CA PHE E 294 21.71 -6.36 39.86
C PHE E 294 22.92 -5.78 40.57
N VAL E 295 23.63 -4.85 39.92
CA VAL E 295 24.94 -4.45 40.44
C VAL E 295 24.81 -3.90 41.86
N ASP E 296 24.10 -2.79 42.02
CA ASP E 296 24.11 -2.13 43.32
C ASP E 296 23.44 -2.98 44.39
N PHE E 297 22.14 -3.22 44.23
CA PHE E 297 21.33 -3.84 45.26
C PHE E 297 21.39 -5.37 45.23
N LEU E 298 22.39 -5.95 44.58
CA LEU E 298 22.83 -7.29 44.92
C LEU E 298 24.27 -7.30 45.42
N LEU E 299 25.21 -6.73 44.67
CA LEU E 299 26.60 -6.74 45.09
C LEU E 299 26.77 -6.07 46.44
N GLU E 300 26.54 -4.76 46.54
CA GLU E 300 26.94 -4.05 47.75
C GLU E 300 26.01 -4.33 48.91
N ASP E 301 24.92 -5.06 48.69
CA ASP E 301 23.99 -5.43 49.73
C ASP E 301 24.09 -6.88 50.16
N PHE E 302 24.74 -7.74 49.37
CA PHE E 302 24.85 -9.15 49.71
C PHE E 302 26.28 -9.67 49.81
N ILE E 303 27.17 -9.29 48.88
CA ILE E 303 28.52 -9.83 48.83
C ILE E 303 29.57 -8.73 48.74
N LEU E 304 29.19 -7.47 48.93
CA LEU E 304 30.09 -6.34 48.73
C LEU E 304 29.71 -5.23 49.72
N ASN E 305 30.11 -4.00 49.41
CA ASN E 305 30.20 -2.80 50.26
C ASN E 305 31.52 -2.83 51.02
N MET E 306 32.34 -3.86 50.81
CA MET E 306 33.78 -3.79 51.06
C MET E 306 34.48 -2.97 49.98
N GLN E 307 33.78 -2.70 48.88
CA GLN E 307 34.29 -1.89 47.79
C GLN E 307 34.73 -0.52 48.30
N MET E 308 35.90 -0.07 47.84
CA MET E 308 36.35 1.27 48.20
C MET E 308 35.41 2.29 47.59
N PRO E 309 34.83 3.18 48.42
CA PRO E 309 33.75 4.03 47.92
C PRO E 309 34.20 5.11 46.97
N GLN E 310 35.48 5.48 46.96
CA GLN E 310 35.89 6.70 46.29
C GLN E 310 35.63 6.66 44.79
N VAL E 311 36.38 5.85 44.05
CA VAL E 311 36.20 5.80 42.60
C VAL E 311 35.04 4.89 42.20
N PRO E 312 35.07 3.59 42.53
CA PRO E 312 34.11 2.66 41.87
C PRO E 312 32.67 2.87 42.32
N ASP E 313 32.41 2.89 43.62
CA ASP E 313 31.04 3.02 44.10
C ASP E 313 30.44 4.35 43.69
N LYS E 314 31.21 5.43 43.81
CA LYS E 314 30.71 6.76 43.49
C LYS E 314 30.71 7.06 41.99
N ILE E 315 31.27 6.17 41.17
CA ILE E 315 31.03 6.24 39.73
C ILE E 315 29.80 5.44 39.34
N ILE E 316 29.64 4.25 39.93
CA ILE E 316 28.46 3.44 39.64
C ILE E 316 27.19 4.13 40.12
N GLU E 317 27.27 4.89 41.21
CA GLU E 317 26.11 5.66 41.66
C GLU E 317 25.73 6.71 40.62
N VAL E 318 26.72 7.40 40.05
CA VAL E 318 26.45 8.36 38.98
C VAL E 318 25.81 7.67 37.79
N LEU E 319 26.31 6.48 37.44
CA LEU E 319 25.73 5.75 36.31
C LEU E 319 24.27 5.39 36.58
N GLU E 320 23.96 4.94 37.80
CA GLU E 320 22.58 4.59 38.15
C GLU E 320 21.68 5.81 38.09
N PHE E 321 22.13 6.94 38.63
CA PHE E 321 21.33 8.15 38.61
C PHE E 321 21.10 8.62 37.19
N SER E 322 22.13 8.53 36.35
CA SER E 322 21.97 8.89 34.94
C SER E 322 20.98 7.98 34.25
N SER E 323 20.99 6.69 34.58
CA SER E 323 20.03 5.76 34.00
C SER E 323 18.60 6.13 34.39
N ILE E 324 18.38 6.46 35.67
CA ILE E 324 17.03 6.84 36.11
C ILE E 324 16.58 8.10 35.41
N HIS E 325 17.46 9.10 35.34
CA HIS E 325 17.12 10.35 34.66
C HIS E 325 16.84 10.11 33.19
N THR E 326 17.61 9.23 32.56
CA THR E 326 17.37 8.89 31.16
C THR E 326 16.01 8.23 30.96
N SER E 327 15.63 7.33 31.87
CA SER E 327 14.31 6.72 31.77
C SER E 327 13.21 7.76 31.86
N ILE E 328 13.29 8.64 32.87
CA ILE E 328 12.24 9.64 33.06
C ILE E 328 12.19 10.61 31.88
N TRP E 329 13.34 11.04 31.37
CA TRP E 329 13.40 12.03 30.31
C TRP E 329 13.40 11.40 28.92
N ILE E 330 13.20 10.09 28.84
CA ILE E 330 12.68 9.47 27.63
C ILE E 330 11.17 9.32 27.71
N THR E 331 10.64 9.08 28.91
CA THR E 331 9.19 9.05 29.08
C THR E 331 8.58 10.41 28.74
N VAL E 332 9.23 11.50 29.15
CA VAL E 332 8.69 12.84 28.90
C VAL E 332 8.52 13.14 27.41
N PRO E 333 9.56 13.00 26.56
CA PRO E 333 9.34 13.30 25.13
C PRO E 333 8.32 12.41 24.47
N LEU E 334 8.15 11.17 24.94
CA LEU E 334 7.10 10.32 24.40
C LEU E 334 5.73 10.92 24.70
N THR E 335 5.55 11.44 25.92
CA THR E 335 4.29 12.11 26.26
C THR E 335 4.08 13.35 25.41
N ILE E 336 5.14 14.14 25.19
CA ILE E 336 5.01 15.33 24.35
C ILE E 336 4.63 14.94 22.93
N ASP E 337 5.26 13.91 22.38
CA ASP E 337 4.96 13.46 21.04
C ASP E 337 3.53 12.95 20.93
N ARG E 338 3.06 12.21 21.94
CA ARG E 338 1.68 11.76 21.95
C ARG E 338 0.72 12.94 21.99
N TYR E 339 1.01 13.94 22.82
CA TYR E 339 0.15 15.11 22.90
C TYR E 339 0.07 15.82 21.56
N ILE E 340 1.22 15.98 20.90
CA ILE E 340 1.22 16.62 19.58
C ILE E 340 0.41 15.80 18.58
N ALA E 341 0.69 14.50 18.51
CA ALA E 341 0.05 13.64 17.51
C ALA E 341 -1.45 13.47 17.74
N VAL E 342 -1.93 13.73 18.95
CA VAL E 342 -3.36 13.60 19.26
C VAL E 342 -4.07 14.94 19.12
N CYS E 343 -3.57 15.99 19.76
CA CYS E 343 -4.25 17.28 19.75
C CYS E 343 -4.08 18.03 18.43
N HIS E 344 -2.95 17.85 17.75
CA HIS E 344 -2.67 18.54 16.49
C HIS E 344 -2.30 17.51 15.44
N PRO E 345 -3.29 16.76 14.94
CA PRO E 345 -2.98 15.69 13.97
C PRO E 345 -2.35 16.17 12.68
N LEU E 346 -2.69 17.38 12.22
CA LEU E 346 -2.24 17.83 10.91
C LEU E 346 -0.76 18.21 10.93
N LYS E 347 -0.31 18.89 11.98
CA LYS E 347 1.05 19.38 12.06
C LYS E 347 2.00 18.41 12.73
N TYR E 348 1.56 17.18 13.00
CA TYR E 348 2.40 16.21 13.69
C TYR E 348 3.67 15.91 12.90
N HIS E 349 3.54 15.70 11.59
CA HIS E 349 4.72 15.42 10.78
C HIS E 349 5.55 16.67 10.56
N THR E 350 4.92 17.84 10.53
CA THR E 350 5.66 19.08 10.34
C THR E 350 6.55 19.37 11.55
N VAL E 351 6.05 19.14 12.76
CA VAL E 351 6.82 19.49 13.95
C VAL E 351 7.65 18.31 14.46
N SER E 352 7.25 17.08 14.16
CA SER E 352 7.96 15.89 14.61
C SER E 352 8.35 15.06 13.39
N TYR E 353 9.65 14.78 13.26
CA TYR E 353 10.19 13.98 12.16
C TYR E 353 11.35 13.16 12.69
N PRO E 354 11.64 12.02 12.05
CA PRO E 354 12.66 11.12 12.61
C PRO E 354 14.05 11.72 12.72
N ALA E 355 14.39 12.70 11.87
CA ALA E 355 15.71 13.33 11.96
C ALA E 355 15.85 14.08 13.29
N ARG E 356 14.81 14.81 13.68
CA ARG E 356 14.81 15.46 14.99
C ARG E 356 14.70 14.43 16.12
N THR E 357 14.09 13.28 15.82
CA THR E 357 13.93 12.26 16.84
C THR E 357 15.28 11.74 17.31
N ARG E 358 16.22 11.50 16.39
CA ARG E 358 17.54 11.04 16.79
C ARG E 358 18.27 12.11 17.62
N LYS E 359 18.16 13.37 17.21
CA LYS E 359 18.80 14.44 17.97
C LYS E 359 18.27 14.49 19.39
N VAL E 360 16.94 14.45 19.55
CA VAL E 360 16.34 14.54 20.88
C VAL E 360 16.45 13.24 21.66
N ILE E 361 16.75 12.11 21.00
CA ILE E 361 16.89 10.84 21.70
C ILE E 361 18.32 10.62 22.18
N VAL E 362 19.29 11.27 21.56
CA VAL E 362 20.66 11.24 22.08
C VAL E 362 20.99 12.43 22.96
N SER E 363 20.36 13.59 22.77
CA SER E 363 20.65 14.75 23.60
C SER E 363 20.24 14.50 25.04
N VAL E 364 19.12 13.79 25.26
CA VAL E 364 18.68 13.49 26.61
C VAL E 364 19.69 12.58 27.31
N TYR E 365 20.20 11.57 26.60
CA TYR E 365 21.22 10.70 27.18
C TYR E 365 22.48 11.49 27.55
N ILE E 366 22.95 12.32 26.63
CA ILE E 366 24.18 13.08 26.88
C ILE E 366 23.98 14.04 28.05
N THR E 367 22.84 14.74 28.08
CA THR E 367 22.62 15.71 29.14
C THR E 367 22.38 15.03 30.49
N CYS E 368 21.79 13.83 30.50
CA CYS E 368 21.65 13.09 31.74
C CYS E 368 23.02 12.67 32.28
N PHE E 369 23.87 12.14 31.40
CA PHE E 369 25.21 11.74 31.85
C PHE E 369 26.02 12.95 32.30
N LEU E 370 25.83 14.10 31.65
CA LEU E 370 26.58 15.30 32.04
C LEU E 370 26.06 15.88 33.35
N THR E 371 24.74 15.85 33.56
CA THR E 371 24.12 16.41 34.76
C THR E 371 24.21 15.47 35.95
N SER E 372 24.56 14.20 35.73
CA SER E 372 24.72 13.27 36.85
C SER E 372 26.11 13.33 37.48
N ILE E 373 27.05 14.04 36.88
CA ILE E 373 28.41 14.07 37.42
C ILE E 373 28.50 14.80 38.76
N PRO E 374 27.65 15.78 39.08
CA PRO E 374 27.64 16.29 40.46
C PRO E 374 27.03 15.33 41.47
N TYR E 375 26.41 14.25 41.02
CA TYR E 375 25.90 13.23 41.93
C TYR E 375 27.00 12.30 42.43
N TYR E 376 28.25 12.55 42.03
CA TYR E 376 29.37 11.82 42.59
C TYR E 376 29.47 12.03 44.09
N TRP E 377 29.20 13.25 44.55
CA TRP E 377 29.19 13.55 45.98
C TRP E 377 27.82 13.30 46.58
N TRP E 378 27.26 12.11 46.33
CA TRP E 378 25.93 11.81 46.86
C TRP E 378 26.02 11.43 48.33
N PRO E 379 25.08 11.88 49.15
CA PRO E 379 25.13 11.60 50.60
C PRO E 379 24.93 10.12 50.86
N ASN E 380 25.98 9.48 51.39
CA ASN E 380 25.86 8.09 51.82
C ASN E 380 24.87 7.99 52.97
N ILE E 381 23.86 7.15 52.81
CA ILE E 381 22.73 7.10 53.74
C ILE E 381 23.12 6.30 54.98
N TRP E 382 22.65 6.76 56.14
CA TRP E 382 23.12 6.28 57.45
C TRP E 382 24.64 6.20 57.53
N THR E 383 25.17 4.99 57.47
CA THR E 383 26.60 4.70 57.63
C THR E 383 27.02 5.15 59.04
N GLU E 384 28.32 5.32 59.28
CA GLU E 384 28.78 5.70 60.61
C GLU E 384 28.27 7.08 61.01
N ASP E 385 28.34 8.04 60.08
CA ASP E 385 27.87 9.39 60.34
C ASP E 385 27.37 9.99 59.04
N TYR E 386 26.52 11.01 59.16
CA TYR E 386 25.91 11.64 58.00
C TYR E 386 26.39 13.08 57.80
N ILE E 387 26.20 13.95 58.80
CA ILE E 387 26.50 15.38 58.73
C ILE E 387 25.69 16.06 57.63
N SER E 388 24.98 17.13 57.99
CA SER E 388 24.12 17.86 57.03
C SER E 388 24.98 18.83 56.22
N THR E 389 25.73 18.26 55.28
CA THR E 389 26.59 19.06 54.41
C THR E 389 25.74 19.91 53.48
N SER E 390 26.24 21.11 53.16
CA SER E 390 25.51 22.04 52.33
C SER E 390 25.28 21.52 50.91
N VAL E 391 26.04 20.51 50.48
CA VAL E 391 25.80 19.93 49.16
C VAL E 391 24.66 18.90 49.20
N HIS E 392 24.38 18.32 50.37
CA HIS E 392 23.36 17.28 50.46
C HIS E 392 21.98 17.82 50.11
N HIS E 393 21.61 18.96 50.71
CA HIS E 393 20.27 19.49 50.51
C HIS E 393 20.07 19.93 49.05
N VAL E 394 21.07 20.57 48.46
CA VAL E 394 20.94 21.01 47.08
C VAL E 394 20.89 19.82 46.13
N LEU E 395 21.69 18.78 46.41
CA LEU E 395 21.64 17.59 45.57
C LEU E 395 20.28 16.91 45.65
N ILE E 396 19.73 16.79 46.86
CA ILE E 396 18.40 16.18 47.02
C ILE E 396 17.34 17.00 46.30
N TRP E 397 17.40 18.33 46.44
CA TRP E 397 16.39 19.18 45.80
C TRP E 397 16.48 19.09 44.27
N ILE E 398 17.70 19.09 43.73
CA ILE E 398 17.86 18.96 42.29
C ILE E 398 17.34 17.61 41.81
N HIS E 399 17.65 16.54 42.56
CA HIS E 399 17.15 15.22 42.18
C HIS E 399 15.63 15.19 42.17
N CYS E 400 15.01 15.78 43.20
CA CYS E 400 13.54 15.83 43.24
C CYS E 400 12.98 16.58 42.04
N PHE E 401 13.47 17.80 41.81
CA PHE E 401 12.95 18.61 40.72
C PHE E 401 13.21 17.97 39.36
N THR E 402 14.24 17.14 39.24
CA THR E 402 14.57 16.57 37.94
C THR E 402 13.95 15.19 37.70
N VAL E 403 13.49 14.50 38.74
CA VAL E 403 12.89 13.18 38.58
C VAL E 403 11.38 13.21 38.74
N TYR E 404 10.85 13.99 39.69
CA TYR E 404 9.43 13.93 39.98
C TYR E 404 8.71 15.24 39.70
N LEU E 405 9.16 16.35 40.28
CA LEU E 405 8.33 17.55 40.35
C LEU E 405 7.98 18.09 38.97
N VAL E 406 8.96 18.17 38.08
CA VAL E 406 8.72 18.69 36.73
C VAL E 406 8.03 17.63 35.87
N PRO E 407 8.55 16.40 35.76
CA PRO E 407 7.87 15.43 34.88
C PRO E 407 6.44 15.13 35.28
N CYS E 408 6.16 14.97 36.57
CA CYS E 408 4.78 14.66 36.98
C CYS E 408 3.84 15.82 36.67
N SER E 409 4.29 17.05 36.94
CA SER E 409 3.46 18.21 36.68
C SER E 409 3.16 18.35 35.19
N ILE E 410 4.18 18.16 34.34
CA ILE E 410 3.93 18.31 32.91
C ILE E 410 3.10 17.15 32.36
N PHE E 411 3.26 15.94 32.91
CA PHE E 411 2.36 14.85 32.53
C PHE E 411 0.92 15.18 32.91
N PHE E 412 0.71 15.71 34.11
CA PHE E 412 -0.62 16.14 34.52
C PHE E 412 -1.19 17.14 33.54
N ILE E 413 -0.41 18.18 33.20
CA ILE E 413 -0.90 19.23 32.33
C ILE E 413 -1.26 18.68 30.96
N LEU E 414 -0.35 17.91 30.36
CA LEU E 414 -0.58 17.41 29.00
C LEU E 414 -1.75 16.44 28.96
N ASN E 415 -1.82 15.51 29.91
CA ASN E 415 -2.90 14.54 29.90
C ASN E 415 -4.24 15.20 30.18
N SER E 416 -4.29 16.20 31.08
CA SER E 416 -5.53 16.92 31.32
C SER E 416 -5.97 17.68 30.07
N ILE E 417 -5.03 18.31 29.36
CA ILE E 417 -5.37 19.01 28.14
C ILE E 417 -5.92 18.05 27.10
N ILE E 418 -5.28 16.89 26.95
CA ILE E 418 -5.73 15.90 25.97
C ILE E 418 -7.14 15.42 26.31
N VAL E 419 -7.37 15.09 27.59
CA VAL E 419 -8.67 14.60 28.02
C VAL E 419 -9.74 15.65 27.78
N TYR E 420 -9.46 16.91 28.15
CA TYR E 420 -10.43 17.98 27.95
C TYR E 420 -10.74 18.16 26.47
N LYS E 421 -9.71 18.14 25.62
CA LYS E 421 -9.93 18.39 24.20
C LYS E 421 -10.71 17.26 23.55
N LEU E 422 -10.40 16.00 23.91
CA LEU E 422 -11.09 14.87 23.30
C LEU E 422 -12.41 14.51 23.97
N ARG E 423 -12.74 15.15 25.10
CA ARG E 423 -14.06 14.96 25.70
C ARG E 423 -15.03 16.07 25.40
N ARG E 424 -14.58 17.33 25.43
CA ARG E 424 -15.49 18.45 25.18
C ARG E 424 -15.85 18.56 23.71
N LYS E 425 -14.88 18.35 22.82
CA LYS E 425 -15.14 18.46 21.40
C LYS E 425 -16.01 17.31 20.92
N SER E 426 -16.85 17.59 19.92
CA SER E 426 -17.76 16.59 19.39
C SER E 426 -16.99 15.59 18.53
N ASN E 427 -17.02 14.33 18.92
CA ASN E 427 -16.35 13.26 18.20
C ASN E 427 -17.35 12.56 17.28
N PHE E 428 -16.92 11.45 16.68
CA PHE E 428 -17.79 10.67 15.81
C PHE E 428 -18.92 10.03 16.62
N ARG E 429 -20.08 9.89 15.97
CA ARG E 429 -21.24 9.34 16.65
C ARG E 429 -21.02 7.89 17.06
N LEU E 430 -20.41 7.10 16.17
CA LEU E 430 -20.13 5.69 16.46
C LEU E 430 -18.82 5.51 17.21
N ARG E 431 -18.67 6.24 18.31
CA ARG E 431 -17.47 6.18 19.15
C ARG E 431 -17.86 6.13 20.62
N GLY E 432 -18.82 5.26 20.95
CA GLY E 432 -19.29 5.17 22.32
C GLY E 432 -18.21 4.70 23.28
N TYR E 433 -17.51 3.63 22.91
CA TYR E 433 -16.41 3.11 23.72
C TYR E 433 -15.06 3.66 23.28
N SER E 434 -14.97 4.99 23.14
CA SER E 434 -13.76 5.63 22.65
C SER E 434 -13.12 6.54 23.69
N THR E 435 -13.85 7.51 24.23
CA THR E 435 -13.26 8.46 25.17
C THR E 435 -12.92 7.79 26.49
N GLY E 436 -13.72 6.79 26.89
CA GLY E 436 -13.45 6.12 28.15
C GLY E 436 -12.11 5.40 28.15
N LYS E 437 -11.81 4.68 27.07
CA LYS E 437 -10.56 3.92 27.00
C LYS E 437 -9.36 4.85 27.04
N THR E 438 -9.34 5.89 26.20
CA THR E 438 -8.20 6.79 26.16
C THR E 438 -8.05 7.56 27.47
N THR E 439 -9.16 8.02 28.05
CA THR E 439 -9.10 8.73 29.32
C THR E 439 -8.55 7.82 30.42
N ALA E 440 -9.05 6.58 30.49
CA ALA E 440 -8.58 5.64 31.50
C ALA E 440 -7.10 5.36 31.32
N ILE E 441 -6.65 5.15 30.08
CA ILE E 441 -5.25 4.81 29.85
C ILE E 441 -4.35 5.98 30.26
N LEU E 442 -4.65 7.19 29.79
CA LEU E 442 -3.80 8.33 30.10
C LEU E 442 -3.77 8.59 31.61
N PHE E 443 -4.94 8.59 32.24
CA PHE E 443 -4.99 8.90 33.67
C PHE E 443 -4.34 7.81 34.49
N THR E 444 -4.46 6.53 34.10
CA THR E 444 -3.82 5.48 34.87
C THR E 444 -2.31 5.53 34.70
N ILE E 445 -1.83 5.90 33.51
CA ILE E 445 -0.38 6.06 33.32
C ILE E 445 0.16 7.13 34.26
N THR E 446 -0.46 8.32 34.20
CA THR E 446 0.07 9.42 35.01
C THR E 446 -0.12 9.14 36.51
N SER E 447 -1.23 8.51 36.88
CA SER E 447 -1.49 8.22 38.29
C SER E 447 -0.54 7.18 38.83
N ILE E 448 -0.24 6.12 38.05
CA ILE E 448 0.67 5.10 38.55
C ILE E 448 2.08 5.67 38.66
N PHE E 449 2.48 6.52 37.70
CA PHE E 449 3.79 7.17 37.82
C PHE E 449 3.87 8.01 39.09
N ALA E 450 2.85 8.86 39.32
CA ALA E 450 2.87 9.74 40.48
C ALA E 450 2.85 8.95 41.77
N THR E 451 1.99 7.92 41.86
CA THR E 451 1.84 7.16 43.10
C THR E 451 2.98 6.19 43.35
N LEU E 452 3.76 5.86 42.32
CA LEU E 452 4.91 5.00 42.54
C LEU E 452 6.21 5.78 42.72
N TRP E 453 6.24 7.07 42.37
CA TRP E 453 7.42 7.88 42.63
C TRP E 453 7.24 8.91 43.74
N ALA E 454 6.03 9.09 44.27
CA ALA E 454 5.83 10.02 45.38
C ALA E 454 6.55 9.60 46.67
N PRO E 455 6.47 8.35 47.13
CA PRO E 455 7.04 8.04 48.45
C PRO E 455 8.52 8.33 48.57
N ARG E 456 9.31 8.07 47.52
CA ARG E 456 10.74 8.33 47.59
C ARG E 456 11.03 9.82 47.79
N ILE E 457 10.37 10.67 47.01
CA ILE E 457 10.60 12.11 47.11
C ILE E 457 10.14 12.62 48.47
N ILE E 458 8.96 12.17 48.91
CA ILE E 458 8.46 12.60 50.22
C ILE E 458 9.41 12.17 51.32
N MET E 459 9.95 10.95 51.22
CA MET E 459 10.84 10.44 52.24
C MET E 459 12.17 11.18 52.27
N ILE E 460 12.74 11.47 51.10
CA ILE E 460 14.03 12.16 51.09
C ILE E 460 13.86 13.59 51.56
N LEU E 461 12.74 14.24 51.23
CA LEU E 461 12.49 15.57 51.78
C LEU E 461 12.29 15.52 53.29
N TYR E 462 11.60 14.50 53.79
CA TYR E 462 11.41 14.36 55.24
C TYR E 462 12.72 14.08 55.95
N HIS E 463 13.65 13.40 55.27
CA HIS E 463 14.97 13.16 55.87
C HIS E 463 15.81 14.42 55.84
N LEU E 464 15.70 15.21 54.76
CA LEU E 464 16.40 16.48 54.68
C LEU E 464 15.95 17.41 55.79
N TYR E 465 14.63 17.57 55.94
CA TYR E 465 14.07 18.35 57.05
C TYR E 465 13.76 17.45 58.23
N GLY E 466 13.00 17.97 59.19
CA GLY E 466 12.45 17.14 60.25
C GLY E 466 13.46 16.73 61.31
N ALA E 467 12.95 15.98 62.28
CA ALA E 467 13.75 15.45 63.40
C ALA E 467 13.46 13.97 63.54
N PRO E 468 14.10 13.13 62.73
CA PRO E 468 13.82 11.69 62.80
C PRO E 468 14.19 11.10 64.16
N ILE E 469 13.41 10.10 64.58
CA ILE E 469 13.66 9.41 65.85
C ILE E 469 14.72 8.31 65.70
N GLN E 470 15.08 7.96 64.46
CA GLN E 470 16.08 6.93 64.18
C GLN E 470 15.66 5.58 64.75
N ASN E 471 14.42 5.17 64.47
CA ASN E 471 14.01 3.80 64.72
C ASN E 471 14.34 2.94 63.52
N ARG E 472 15.12 1.88 63.74
CA ARG E 472 15.69 1.13 62.62
C ARG E 472 14.60 0.58 61.70
N TRP E 473 13.50 0.08 62.28
CA TRP E 473 12.39 -0.36 61.47
C TRP E 473 11.76 0.80 60.70
N LEU E 474 11.40 1.87 61.42
CA LEU E 474 10.53 2.90 60.86
C LEU E 474 11.23 3.72 59.80
N VAL E 475 12.55 3.91 59.92
CA VAL E 475 13.28 4.78 59.02
C VAL E 475 14.00 4.00 57.92
N HIS E 476 14.19 2.70 58.07
CA HIS E 476 14.94 1.93 57.08
C HIS E 476 14.07 0.92 56.33
N ILE E 477 13.15 0.22 57.01
CA ILE E 477 12.23 -0.63 56.27
C ILE E 477 11.31 0.22 55.41
N MET E 478 10.92 1.39 55.92
CA MET E 478 10.19 2.35 55.09
C MET E 478 11.05 2.81 53.92
N SER E 479 12.34 3.01 54.16
CA SER E 479 13.25 3.40 53.07
C SER E 479 13.29 2.34 51.99
N ASP E 480 13.37 1.07 52.38
CA ASP E 480 13.40 -0.01 51.40
C ASP E 480 12.08 -0.11 50.64
N ILE E 481 10.95 0.00 51.35
CA ILE E 481 9.66 -0.12 50.67
C ILE E 481 9.42 1.07 49.75
N ALA E 482 9.98 2.24 50.08
CA ALA E 482 9.86 3.40 49.20
C ALA E 482 10.79 3.31 48.00
N ASN E 483 11.97 2.73 48.18
CA ASN E 483 12.91 2.59 47.07
C ASN E 483 12.49 1.49 46.10
N MET E 484 11.79 0.46 46.56
CA MET E 484 11.34 -0.59 45.66
C MET E 484 10.21 -0.15 44.74
N LEU E 485 9.42 0.86 45.14
CA LEU E 485 8.32 1.30 44.30
C LEU E 485 8.81 1.95 43.01
N ALA E 486 9.94 2.64 43.06
CA ALA E 486 10.49 3.25 41.85
C ALA E 486 10.86 2.18 40.83
N LEU E 487 11.50 1.10 41.28
CA LEU E 487 11.85 0.03 40.35
C LEU E 487 10.62 -0.73 39.90
N LEU E 488 9.59 -0.82 40.76
CA LEU E 488 8.32 -1.39 40.32
C LEU E 488 7.73 -0.57 39.17
N ASN E 489 7.78 0.76 39.29
CA ASN E 489 7.29 1.62 38.21
C ASN E 489 8.11 1.43 36.95
N THR E 490 9.44 1.38 37.08
CA THR E 490 10.29 1.19 35.92
C THR E 490 10.03 -0.14 35.24
N ALA E 491 9.70 -1.18 36.01
CA ALA E 491 9.39 -2.48 35.42
C ALA E 491 8.02 -2.48 34.76
N ILE E 492 7.01 -1.87 35.39
CA ILE E 492 5.66 -1.89 34.85
C ILE E 492 5.49 -0.89 33.71
N ASN E 493 6.48 -0.04 33.47
CA ASN E 493 6.43 0.85 32.31
C ASN E 493 6.26 0.07 31.01
N PHE E 494 6.92 -1.09 30.91
CA PHE E 494 6.73 -1.97 29.76
C PHE E 494 5.27 -2.40 29.61
N PHE E 495 4.68 -2.93 30.68
CA PHE E 495 3.30 -3.38 30.63
C PHE E 495 2.37 -2.22 30.29
N LEU E 496 2.73 -1.02 30.73
CA LEU E 496 1.90 0.15 30.50
C LEU E 496 1.95 0.60 29.04
N TYR E 497 3.13 0.55 28.42
CA TYR E 497 3.30 1.12 27.09
C TYR E 497 3.26 0.08 25.98
N CYS E 498 4.15 -0.91 26.02
CA CYS E 498 4.33 -1.80 24.88
C CYS E 498 3.32 -2.93 24.83
N PHE E 499 2.95 -3.48 26.00
CA PHE E 499 2.09 -4.65 26.02
C PHE E 499 0.65 -4.30 25.64
N ILE E 500 0.23 -3.06 25.89
CA ILE E 500 -1.16 -2.68 25.63
C ILE E 500 -1.48 -2.76 24.14
N SER E 501 -0.56 -2.30 23.29
CA SER E 501 -0.82 -2.28 21.86
C SER E 501 -0.95 -3.70 21.31
N LYS E 502 -2.00 -3.92 20.51
CA LYS E 502 -2.20 -5.24 19.91
C LYS E 502 -1.18 -5.53 18.82
N ARG E 503 -0.71 -4.49 18.12
CA ARG E 503 0.29 -4.67 17.08
C ARG E 503 1.61 -5.16 17.64
N PHE E 504 1.86 -4.95 18.94
CA PHE E 504 3.01 -5.55 19.59
C PHE E 504 2.71 -6.93 20.15
N ARG E 505 1.47 -7.16 20.61
CA ARG E 505 1.09 -8.48 21.10
C ARG E 505 1.18 -9.51 19.99
N THR E 506 0.73 -9.17 18.78
CA THR E 506 0.81 -10.11 17.67
C THR E 506 2.26 -10.39 17.29
N MET E 507 3.13 -9.39 17.33
CA MET E 507 4.54 -9.61 17.04
C MET E 507 5.18 -10.50 18.10
N ALA E 508 4.84 -10.29 19.37
CA ALA E 508 5.36 -11.14 20.43
C ALA E 508 4.88 -12.58 20.26
N ALA E 509 3.60 -12.75 19.91
CA ALA E 509 3.07 -14.10 19.68
C ALA E 509 3.77 -14.79 18.53
N ALA E 510 4.03 -14.04 17.45
CA ALA E 510 4.74 -14.62 16.31
C ALA E 510 6.18 -14.98 16.68
N THR E 511 6.85 -14.12 17.45
CA THR E 511 8.26 -14.31 17.73
C THR E 511 8.54 -15.29 18.87
N LEU E 512 7.54 -15.62 19.68
CA LEU E 512 7.80 -16.59 20.75
C LEU E 512 8.01 -18.00 20.18
N LYS E 513 7.33 -18.33 19.08
CA LYS E 513 7.53 -19.59 18.39
C LYS E 513 8.47 -19.48 17.21
N ALA E 514 9.08 -18.32 17.00
CA ALA E 514 9.98 -18.14 15.86
C ALA E 514 11.22 -19.03 16.00
N PHE E 515 11.76 -19.15 17.22
CA PHE E 515 12.96 -19.95 17.43
C PHE E 515 12.68 -21.43 17.19
N PHE E 516 11.45 -21.88 17.42
CA PHE E 516 11.10 -23.28 17.21
C PHE E 516 10.07 -23.42 16.09
#